data_5NO5
#
_entry.id   5NO5
#
_cell.length_a   69.229
_cell.length_b   88.360
_cell.length_c   131.289
_cell.angle_alpha   90.00
_cell.angle_beta   90.00
_cell.angle_gamma   90.00
#
_symmetry.space_group_name_H-M   'P 21 21 21'
#
loop_
_entity.id
_entity.type
_entity.pdbx_description
1 polymer AbyA5
2 water water
#
_entity_poly.entity_id   1
_entity_poly.type   'polypeptide(L)'
_entity_poly.pdbx_seq_one_letter_code
;MAHHHHHHSSGLEVLFQGPMSNDVAELKQYVLAHVSAQNASADGVLARIDDDGDGPRSWTTQWIRAGEEREQAGDLLAAT
TFYNLARFPFVDSPGRAEALRRCVAVFDRWRRTVPGIERLELRLPGGVVRAWAAGLSTTERRPVLLMTGGIVSIKEQWAP
ILPELARYGFAAVVTELPGVGENELRYDLDSAALFGVLLDAVAERADTSRAYALALSFSGHLALRAAPSEPRLRGIVTAG
APVAAFFTDKEWQAAVPRVTVDTLARLTQTTPATVFDHVRNWALTPQDLAGVRIPVAYVASGRDEIIPPADPALLRTHVR
DFRTITHDDVHGSPAHFPHTRLWTLAQVLEMSGADPRHRAAVDGALAQVEGGRA
;
_entity_poly.pdbx_strand_id   A,B
#
# COMPACT_ATOMS: atom_id res chain seq x y z
N ASN A 22 -9.59 22.48 14.39
CA ASN A 22 -8.60 21.99 13.36
C ASN A 22 -9.04 22.40 11.94
N ASP A 23 -8.05 22.73 11.11
CA ASP A 23 -8.25 23.07 9.72
C ASP A 23 -8.48 21.79 8.98
N VAL A 24 -9.61 21.73 8.29
CA VAL A 24 -10.07 20.51 7.63
C VAL A 24 -9.23 20.23 6.40
N ALA A 25 -8.79 21.25 5.69
CA ALA A 25 -7.90 21.03 4.54
C ALA A 25 -6.60 20.35 4.97
N GLU A 26 -5.98 20.80 6.06
CA GLU A 26 -4.79 20.09 6.62
C GLU A 26 -5.12 18.63 6.91
N LEU A 27 -6.25 18.40 7.59
CA LEU A 27 -6.67 17.02 7.93
C LEU A 27 -6.83 16.11 6.71
N LYS A 28 -7.47 16.62 5.64
CA LYS A 28 -7.71 15.88 4.40
C LYS A 28 -6.42 15.59 3.66
N GLN A 29 -5.56 16.59 3.59
CA GLN A 29 -4.23 16.44 2.98
C GLN A 29 -3.36 15.36 3.65
N TYR A 30 -3.50 15.13 4.95
CA TYR A 30 -2.85 13.96 5.59
C TYR A 30 -3.38 12.64 5.01
N VAL A 31 -4.67 12.55 4.71
CA VAL A 31 -5.26 11.29 4.18
C VAL A 31 -4.79 10.99 2.72
N LEU A 32 -4.88 12.03 1.92
CA LEU A 32 -4.38 12.01 0.55
C LEU A 32 -2.95 11.52 0.47
N ALA A 33 -2.08 12.04 1.33
CA ALA A 33 -0.64 11.70 1.26
C ALA A 33 -0.26 10.43 2.00
N HIS A 34 -0.90 10.12 3.13
CA HIS A 34 -0.46 8.98 3.99
C HIS A 34 -1.43 7.81 4.01
N VAL A 35 -2.61 7.91 3.39
CA VAL A 35 -3.62 6.83 3.45
C VAL A 35 -4.25 6.46 2.09
N SER A 36 -4.72 7.41 1.32
CA SER A 36 -5.55 7.10 0.15
C SER A 36 -4.98 5.97 -0.69
N ALA A 37 -3.66 6.00 -0.94
CA ALA A 37 -2.94 4.98 -1.73
C ALA A 37 -3.00 3.55 -1.17
N GLN A 38 -3.12 3.40 0.16
CA GLN A 38 -3.30 2.05 0.82
C GLN A 38 -4.76 1.61 1.04
N ASN A 39 -5.70 2.56 1.05
CA ASN A 39 -7.14 2.27 1.12
C ASN A 39 -7.90 3.35 0.32
N ALA A 40 -8.33 2.98 -0.88
CA ALA A 40 -8.98 3.94 -1.77
C ALA A 40 -10.41 4.31 -1.33
N SER A 41 -11.11 3.46 -0.54
CA SER A 41 -12.38 3.90 0.12
C SER A 41 -12.23 5.22 0.92
N ALA A 42 -11.02 5.54 1.38
CA ALA A 42 -10.77 6.76 2.12
C ALA A 42 -11.12 7.99 1.28
N ASP A 43 -10.81 7.98 -0.02
CA ASP A 43 -11.23 9.11 -0.88
C ASP A 43 -12.74 9.34 -0.90
N GLY A 44 -13.53 8.26 -0.79
CA GLY A 44 -14.99 8.35 -0.72
C GLY A 44 -15.51 8.98 0.55
N VAL A 45 -14.86 8.69 1.66
CA VAL A 45 -15.18 9.30 2.92
C VAL A 45 -14.75 10.77 2.94
N LEU A 46 -13.58 11.08 2.37
CA LEU A 46 -13.12 12.49 2.27
C LEU A 46 -14.10 13.42 1.59
N ALA A 47 -14.72 12.93 0.52
CA ALA A 47 -15.68 13.68 -0.27
C ALA A 47 -17.02 13.93 0.45
N ARG A 48 -17.29 13.30 1.60
CA ARG A 48 -18.45 13.61 2.47
C ARG A 48 -18.13 14.48 3.71
N ILE A 49 -16.92 14.99 3.79
CA ILE A 49 -16.46 15.69 4.98
C ILE A 49 -16.31 17.14 4.59
N ASP A 50 -17.08 18.01 5.26
CA ASP A 50 -17.02 19.49 5.00
C ASP A 50 -16.30 20.29 6.10
N ASP A 51 -16.36 19.82 7.35
CA ASP A 51 -15.78 20.54 8.50
C ASP A 51 -15.23 19.58 9.59
N ASP A 52 -14.63 20.14 10.65
CA ASP A 52 -14.13 19.43 11.86
C ASP A 52 -15.07 19.62 13.10
N GLY A 53 -16.34 19.85 12.90
CA GLY A 53 -17.11 20.01 14.09
C GLY A 53 -17.78 18.77 14.55
N ASP A 54 -18.96 18.95 15.04
CA ASP A 54 -19.81 17.83 15.27
C ASP A 54 -20.75 17.85 14.05
N GLY A 55 -21.63 16.90 13.99
CA GLY A 55 -22.57 16.95 12.89
C GLY A 55 -22.33 16.06 11.72
N PRO A 56 -23.41 15.70 11.08
CA PRO A 56 -23.48 14.76 10.00
C PRO A 56 -22.43 14.87 8.91
N ARG A 57 -21.91 16.02 8.53
CA ARG A 57 -20.86 16.09 7.47
C ARG A 57 -19.47 16.40 8.03
N SER A 58 -19.25 16.22 9.33
CA SER A 58 -17.97 16.56 9.96
C SER A 58 -16.96 15.39 9.87
N TRP A 59 -15.69 15.72 9.95
CA TRP A 59 -14.62 14.72 9.92
C TRP A 59 -14.79 13.54 10.86
N THR A 60 -14.93 13.83 12.13
CA THR A 60 -15.05 12.78 13.13
C THR A 60 -16.27 11.86 12.89
N THR A 61 -17.42 12.44 12.53
CA THR A 61 -18.65 11.65 12.38
C THR A 61 -18.52 10.72 11.18
N GLN A 62 -18.02 11.25 10.08
CA GLN A 62 -17.89 10.47 8.85
C GLN A 62 -16.95 9.30 8.99
N TRP A 63 -15.80 9.55 9.62
CA TRP A 63 -14.82 8.51 9.89
C TRP A 63 -15.37 7.49 10.84
N ILE A 64 -16.07 7.89 11.88
CA ILE A 64 -16.75 6.91 12.78
C ILE A 64 -17.77 6.04 12.03
N ARG A 65 -18.59 6.63 11.15
CA ARG A 65 -19.64 5.87 10.46
C ARG A 65 -19.02 4.87 9.47
N ALA A 66 -17.98 5.30 8.76
CA ALA A 66 -17.22 4.41 7.89
C ALA A 66 -16.55 3.21 8.65
N GLY A 67 -16.00 3.47 9.83
CA GLY A 67 -15.51 2.40 10.68
C GLY A 67 -16.58 1.41 11.16
N GLU A 68 -17.79 1.89 11.49
CA GLU A 68 -18.93 1.02 11.90
C GLU A 68 -19.33 0.10 10.78
N GLU A 69 -19.49 0.69 9.60
CA GLU A 69 -19.78 -0.07 8.39
C GLU A 69 -18.79 -1.27 8.17
N ARG A 70 -17.49 -1.01 8.25
CA ARG A 70 -16.48 -2.06 8.01
C ARG A 70 -16.39 -3.02 9.19
N GLU A 71 -16.45 -2.49 10.41
CA GLU A 71 -16.54 -3.32 11.62
C GLU A 71 -17.70 -4.28 11.54
N GLN A 72 -18.87 -3.78 11.13
CA GLN A 72 -20.06 -4.63 11.06
C GLN A 72 -19.96 -5.63 9.90
N ALA A 73 -19.24 -5.23 8.86
CA ALA A 73 -18.97 -6.09 7.71
C ALA A 73 -17.87 -7.14 7.96
N GLY A 74 -17.17 -7.07 9.07
CA GLY A 74 -16.13 -8.06 9.42
C GLY A 74 -14.69 -7.66 9.15
N ASP A 75 -14.44 -6.47 8.55
CA ASP A 75 -13.11 -5.98 8.14
C ASP A 75 -12.54 -5.22 9.28
N LEU A 76 -11.90 -5.92 10.21
CA LEU A 76 -11.47 -5.30 11.45
C LEU A 76 -10.24 -4.31 11.26
N LEU A 77 -9.31 -4.61 10.35
CA LEU A 77 -8.24 -3.62 9.99
C LEU A 77 -8.72 -2.38 9.27
N ALA A 78 -9.69 -2.55 8.36
CA ALA A 78 -10.31 -1.38 7.74
C ALA A 78 -10.95 -0.50 8.83
N ALA A 79 -11.67 -1.13 9.76
CA ALA A 79 -12.41 -0.40 10.76
C ALA A 79 -11.45 0.33 11.69
N THR A 80 -10.39 -0.38 12.10
CA THR A 80 -9.26 0.18 12.84
C THR A 80 -8.70 1.45 12.17
N THR A 81 -8.37 1.35 10.89
CA THR A 81 -7.93 2.55 10.14
C THR A 81 -8.91 3.70 10.21
N PHE A 82 -10.21 3.43 10.03
CA PHE A 82 -11.17 4.54 9.95
C PHE A 82 -11.44 5.20 11.30
N TYR A 83 -11.56 4.40 12.36
CA TYR A 83 -11.67 4.95 13.69
C TYR A 83 -10.38 5.65 14.14
N ASN A 84 -9.21 5.18 13.69
CA ASN A 84 -7.94 5.89 13.91
C ASN A 84 -8.08 7.28 13.31
N LEU A 85 -8.52 7.33 12.07
CA LEU A 85 -8.66 8.58 11.37
C LEU A 85 -9.67 9.47 12.12
N ALA A 86 -10.69 8.87 12.72
CA ALA A 86 -11.64 9.65 13.44
C ALA A 86 -11.00 10.39 14.62
N ARG A 87 -10.07 9.81 15.29
CA ARG A 87 -9.50 10.40 16.43
C ARG A 87 -8.37 11.39 16.10
N PHE A 88 -7.77 11.22 14.96
CA PHE A 88 -6.75 12.08 14.42
C PHE A 88 -7.23 13.55 14.47
N PRO A 89 -6.38 14.46 14.91
CA PRO A 89 -4.96 14.23 15.20
C PRO A 89 -4.62 13.99 16.64
N PHE A 90 -5.55 14.36 17.53
CA PHE A 90 -5.52 14.10 18.97
C PHE A 90 -6.95 14.23 19.51
N VAL A 91 -7.23 13.61 20.64
CA VAL A 91 -8.60 13.61 21.15
C VAL A 91 -8.89 14.97 21.79
N ASP A 92 -9.75 15.77 21.13
CA ASP A 92 -10.16 17.05 21.63
C ASP A 92 -11.67 17.12 21.90
N SER A 93 -12.37 15.98 21.78
CA SER A 93 -13.81 15.95 21.84
C SER A 93 -14.31 14.62 22.35
N PRO A 94 -15.59 14.56 22.83
CA PRO A 94 -16.22 13.24 23.11
C PRO A 94 -16.45 12.35 21.85
N GLY A 95 -16.64 12.96 20.68
CA GLY A 95 -16.70 12.18 19.42
C GLY A 95 -15.35 11.49 19.15
N ARG A 96 -14.25 12.23 19.32
CA ARG A 96 -12.91 11.66 19.11
C ARG A 96 -12.53 10.62 20.16
N ALA A 97 -12.81 10.91 21.44
CA ALA A 97 -12.55 9.97 22.55
C ALA A 97 -13.22 8.64 22.32
N GLU A 98 -14.43 8.68 21.76
CA GLU A 98 -15.20 7.49 21.37
C GLU A 98 -14.55 6.77 20.14
N ALA A 99 -14.12 7.56 19.16
CA ALA A 99 -13.30 7.06 18.06
C ALA A 99 -12.15 6.18 18.56
N LEU A 100 -11.30 6.72 19.41
CA LEU A 100 -10.13 5.98 19.95
C LEU A 100 -10.48 4.73 20.70
N ARG A 101 -11.47 4.86 21.57
CA ARG A 101 -12.04 3.75 22.36
C ARG A 101 -12.44 2.55 21.51
N ARG A 102 -13.04 2.82 20.35
CA ARG A 102 -13.48 1.74 19.47
C ARG A 102 -12.45 1.35 18.40
N CYS A 103 -11.46 2.21 18.15
CA CYS A 103 -10.26 1.82 17.41
C CYS A 103 -9.40 0.80 18.20
N VAL A 104 -9.19 1.13 19.46
CA VAL A 104 -8.47 0.24 20.34
C VAL A 104 -9.22 -1.09 20.45
N ALA A 105 -10.53 -1.02 20.63
CA ALA A 105 -11.35 -2.24 20.83
C ALA A 105 -11.43 -3.08 19.60
N VAL A 106 -11.56 -2.45 18.42
CA VAL A 106 -11.70 -3.24 17.18
C VAL A 106 -10.34 -3.89 16.89
N PHE A 107 -9.24 -3.19 17.16
CA PHE A 107 -7.93 -3.80 16.97
C PHE A 107 -7.68 -4.93 17.98
N ASP A 108 -8.18 -4.78 19.20
CA ASP A 108 -8.12 -5.83 20.21
C ASP A 108 -8.84 -7.11 19.73
N ARG A 109 -10.03 -6.98 19.13
CA ARG A 109 -10.73 -8.11 18.50
C ARG A 109 -9.86 -8.77 17.42
N TRP A 110 -9.22 -7.95 16.59
CA TRP A 110 -8.46 -8.51 15.47
C TRP A 110 -7.25 -9.32 15.92
N ARG A 111 -6.52 -8.75 16.84
CA ARG A 111 -5.32 -9.30 17.36
C ARG A 111 -5.49 -10.64 18.00
N ARG A 112 -6.64 -10.94 18.54
CA ARG A 112 -6.96 -12.22 19.15
C ARG A 112 -6.95 -13.34 18.12
N THR A 113 -7.32 -13.07 16.87
CA THR A 113 -7.17 -14.06 15.79
C THR A 113 -5.73 -14.20 15.32
N VAL A 114 -4.80 -13.41 15.84
CA VAL A 114 -3.37 -13.54 15.54
C VAL A 114 -2.56 -14.06 16.75
N PRO A 115 -1.96 -15.26 16.64
CA PRO A 115 -1.27 -15.77 17.86
C PRO A 115 0.02 -15.01 18.17
N GLY A 116 0.27 -14.82 19.47
CA GLY A 116 1.47 -14.13 19.96
C GLY A 116 1.37 -12.61 20.19
N ILE A 117 0.22 -11.97 19.87
CA ILE A 117 0.05 -10.54 20.15
C ILE A 117 -0.60 -10.31 21.51
N GLU A 118 0.14 -9.66 22.41
CA GLU A 118 -0.28 -9.41 23.80
C GLU A 118 -0.41 -7.92 24.08
N ARG A 119 -1.35 -7.56 24.94
CA ARG A 119 -1.46 -6.22 25.53
C ARG A 119 -0.49 -6.14 26.70
N LEU A 120 0.29 -5.05 26.77
CA LEU A 120 1.06 -4.66 27.97
C LEU A 120 0.41 -3.44 28.57
N GLU A 121 0.23 -3.45 29.87
CA GLU A 121 -0.22 -2.27 30.64
C GLU A 121 0.82 -1.96 31.68
N LEU A 122 1.24 -0.70 31.76
CA LEU A 122 2.19 -0.26 32.77
C LEU A 122 1.51 0.83 33.56
N ARG A 123 1.43 0.70 34.88
CA ARG A 123 0.92 1.74 35.78
C ARG A 123 2.09 2.51 36.43
N LEU A 124 2.20 3.79 36.07
CA LEU A 124 3.32 4.61 36.47
C LEU A 124 2.78 5.74 37.33
N PRO A 125 3.67 6.42 38.09
CA PRO A 125 3.19 7.59 38.86
C PRO A 125 2.42 8.60 38.01
N GLY A 126 2.93 8.96 36.83
CA GLY A 126 2.27 9.93 35.94
C GLY A 126 1.13 9.42 35.08
N GLY A 127 0.72 8.17 35.28
CA GLY A 127 -0.46 7.58 34.61
C GLY A 127 -0.15 6.28 33.90
N VAL A 128 -1.10 5.82 33.11
CA VAL A 128 -1.02 4.50 32.43
C VAL A 128 -0.43 4.54 30.99
N VAL A 129 0.56 3.67 30.69
CA VAL A 129 1.01 3.38 29.31
C VAL A 129 0.56 1.98 28.87
N ARG A 130 -0.01 1.86 27.67
CA ARG A 130 -0.50 0.58 27.14
C ARG A 130 0.35 0.29 25.93
N ALA A 131 0.44 -0.97 25.55
CA ALA A 131 1.25 -1.36 24.39
C ALA A 131 0.83 -2.70 23.82
N TRP A 132 1.31 -2.96 22.62
CA TRP A 132 1.11 -4.22 21.96
C TRP A 132 2.49 -4.85 21.81
N ALA A 133 2.57 -6.16 22.07
CA ALA A 133 3.82 -6.87 21.89
C ALA A 133 3.64 -8.23 21.22
N ALA A 134 4.74 -8.71 20.67
CA ALA A 134 4.84 -10.06 20.15
C ALA A 134 6.31 -10.51 20.27
N GLY A 135 6.51 -11.82 20.13
CA GLY A 135 7.84 -12.41 20.22
C GLY A 135 8.37 -12.48 21.64
N LEU A 136 7.46 -12.43 22.61
CA LEU A 136 7.82 -12.47 24.02
C LEU A 136 7.88 -13.93 24.48
N SER A 137 8.78 -14.23 25.42
CA SER A 137 9.05 -15.63 25.84
C SER A 137 9.77 -15.74 27.18
N THR A 138 9.26 -16.63 28.03
CA THR A 138 9.81 -16.87 29.36
C THR A 138 11.10 -17.67 29.29
N THR A 139 11.16 -18.58 28.34
CA THR A 139 12.29 -19.48 28.23
C THR A 139 13.40 -19.00 27.31
N GLU A 140 13.10 -18.04 26.43
CA GLU A 140 14.11 -17.47 25.53
C GLU A 140 14.36 -16.01 25.90
N ARG A 141 15.43 -15.45 25.34
CA ARG A 141 15.83 -14.08 25.62
C ARG A 141 16.12 -13.36 24.30
N ARG A 142 15.04 -12.80 23.71
CA ARG A 142 15.11 -12.18 22.36
C ARG A 142 15.39 -10.67 22.43
N PRO A 143 16.25 -10.15 21.53
CA PRO A 143 16.52 -8.70 21.63
C PRO A 143 15.24 -7.87 21.48
N VAL A 144 15.16 -6.75 22.19
CA VAL A 144 13.93 -5.96 22.21
C VAL A 144 13.88 -4.98 21.03
N LEU A 145 12.74 -4.93 20.35
CA LEU A 145 12.47 -3.89 19.38
C LEU A 145 11.34 -3.01 19.93
N LEU A 146 11.68 -1.79 20.37
CA LEU A 146 10.70 -0.73 20.68
C LEU A 146 10.35 0.08 19.43
N MET A 147 9.07 0.14 19.09
CA MET A 147 8.59 0.85 17.89
C MET A 147 7.59 1.86 18.34
N THR A 148 7.75 3.10 17.90
CA THR A 148 6.84 4.20 18.25
C THR A 148 6.74 5.17 17.05
N GLY A 149 5.53 5.66 16.77
CA GLY A 149 5.41 6.76 15.84
C GLY A 149 5.75 8.12 16.45
N GLY A 150 5.31 9.15 15.76
CA GLY A 150 5.33 10.49 16.25
C GLY A 150 4.06 10.95 16.98
N ILE A 151 3.91 12.27 17.00
CA ILE A 151 2.90 12.93 17.79
C ILE A 151 1.42 12.71 17.34
N VAL A 152 1.19 12.31 16.08
CA VAL A 152 -0.20 11.96 15.62
C VAL A 152 -0.46 10.46 15.37
N SER A 153 0.50 9.63 15.73
CA SER A 153 0.59 8.23 15.32
C SER A 153 0.22 7.28 16.47
N ILE A 154 -0.99 6.77 16.48
CA ILE A 154 -1.32 5.79 17.52
C ILE A 154 -0.69 4.46 17.20
N LYS A 155 -0.55 3.69 18.28
CA LYS A 155 0.20 2.43 18.30
C LYS A 155 -0.44 1.37 17.41
N GLU A 156 -1.77 1.46 17.29
CA GLU A 156 -2.57 0.53 16.45
C GLU A 156 -2.30 0.69 14.98
N GLN A 157 -1.58 1.73 14.59
CA GLN A 157 -1.15 1.89 13.21
C GLN A 157 -0.10 0.87 12.88
N TRP A 158 0.81 0.58 13.83
CA TRP A 158 1.95 -0.31 13.59
C TRP A 158 1.76 -1.70 14.14
N ALA A 159 0.96 -1.82 15.21
CA ALA A 159 0.70 -3.15 15.79
C ALA A 159 0.43 -4.33 14.82
N PRO A 160 -0.33 -4.14 13.69
CA PRO A 160 -0.54 -5.27 12.73
C PRO A 160 0.73 -5.97 12.24
N ILE A 161 1.85 -5.26 12.32
CA ILE A 161 3.16 -5.65 11.80
C ILE A 161 4.01 -6.42 12.84
N LEU A 162 3.47 -6.57 14.04
CA LEU A 162 4.15 -7.22 15.16
C LEU A 162 4.63 -8.65 14.85
N PRO A 163 3.77 -9.48 14.24
CA PRO A 163 4.19 -10.85 13.87
C PRO A 163 5.39 -10.90 12.94
N GLU A 164 5.49 -9.93 12.02
CA GLU A 164 6.67 -9.88 11.15
C GLU A 164 7.90 -9.51 11.95
N LEU A 165 7.74 -8.61 12.91
CA LEU A 165 8.85 -8.24 13.77
C LEU A 165 9.34 -9.40 14.56
N ALA A 166 8.42 -10.11 15.20
CA ALA A 166 8.73 -11.39 15.88
C ALA A 166 9.39 -12.45 15.01
N ARG A 167 9.01 -12.55 13.74
CA ARG A 167 9.60 -13.55 12.82
C ARG A 167 11.08 -13.27 12.62
N TYR A 168 11.49 -12.00 12.67
CA TYR A 168 12.91 -11.61 12.53
C TYR A 168 13.73 -11.78 13.77
N GLY A 169 13.11 -12.14 14.89
CA GLY A 169 13.83 -12.56 16.07
C GLY A 169 13.62 -11.68 17.27
N PHE A 170 12.82 -10.63 17.14
CA PHE A 170 12.67 -9.63 18.22
C PHE A 170 11.51 -9.92 19.14
N ALA A 171 11.71 -9.54 20.38
CA ALA A 171 10.60 -9.30 21.30
C ALA A 171 10.22 -7.83 20.94
N ALA A 172 9.13 -7.69 20.18
CA ALA A 172 8.64 -6.45 19.61
C ALA A 172 7.54 -5.82 20.48
N VAL A 173 7.75 -4.55 20.84
CA VAL A 173 6.80 -3.74 21.61
C VAL A 173 6.46 -2.47 20.80
N VAL A 174 5.15 -2.27 20.58
CA VAL A 174 4.63 -1.13 19.83
C VAL A 174 3.88 -0.24 20.80
N THR A 175 4.29 1.02 20.86
CA THR A 175 3.64 1.95 21.74
C THR A 175 3.49 3.34 21.05
N GLU A 176 3.26 4.34 21.90
CA GLU A 176 2.62 5.63 21.63
C GLU A 176 3.46 6.63 22.43
N LEU A 177 3.71 7.81 21.91
CA LEU A 177 4.37 8.86 22.69
C LEU A 177 3.45 9.28 23.82
N PRO A 178 3.98 9.97 24.84
CA PRO A 178 3.06 10.51 25.87
C PRO A 178 1.99 11.50 25.36
N GLY A 179 0.73 11.17 25.67
CA GLY A 179 -0.50 11.95 25.30
C GLY A 179 -1.22 11.45 24.05
N VAL A 180 -0.64 10.45 23.40
CA VAL A 180 -1.12 9.92 22.15
C VAL A 180 -1.89 8.67 22.53
N GLY A 181 -3.01 8.44 21.89
CA GLY A 181 -3.81 7.24 22.10
C GLY A 181 -4.15 7.08 23.56
N GLU A 182 -3.79 5.92 24.12
CA GLU A 182 -4.07 5.59 25.51
C GLU A 182 -2.88 5.89 26.43
N ASN A 183 -1.82 6.53 25.91
CA ASN A 183 -0.70 6.93 26.76
C ASN A 183 -1.01 8.22 27.52
N GLU A 184 -1.09 8.09 28.85
CA GLU A 184 -1.56 9.19 29.72
C GLU A 184 -0.51 10.14 30.24
N LEU A 185 0.77 9.89 30.01
CA LEU A 185 1.79 10.75 30.58
C LEU A 185 1.80 12.07 29.90
N ARG A 186 2.39 13.05 30.56
CA ARG A 186 2.74 14.31 29.93
C ARG A 186 4.00 14.09 29.11
N TYR A 187 4.03 14.70 27.93
CA TYR A 187 5.19 14.72 27.05
C TYR A 187 6.13 15.85 27.47
N ASP A 188 7.27 15.50 28.07
CA ASP A 188 8.27 16.44 28.65
C ASP A 188 9.66 15.80 28.48
N LEU A 189 10.70 16.45 28.97
CA LEU A 189 12.06 15.91 28.84
C LEU A 189 12.31 14.63 29.61
N ASP A 190 11.59 14.46 30.71
CA ASP A 190 11.61 13.20 31.49
C ASP A 190 10.91 12.02 30.78
N SER A 191 10.33 12.25 29.62
CA SER A 191 9.73 11.15 28.90
C SER A 191 10.82 10.27 28.23
N ALA A 192 12.06 10.76 28.17
CA ALA A 192 13.20 9.95 27.69
C ALA A 192 13.30 8.63 28.45
N ALA A 193 12.80 8.64 29.69
CA ALA A 193 12.83 7.51 30.60
C ALA A 193 11.83 6.43 30.26
N LEU A 194 10.93 6.68 29.32
CA LEU A 194 9.93 5.70 28.85
C LEU A 194 10.46 4.43 28.16
N PHE A 195 11.56 4.57 27.42
CA PHE A 195 12.21 3.39 26.81
C PHE A 195 12.58 2.39 27.90
N GLY A 196 13.38 2.86 28.84
CA GLY A 196 13.81 2.11 30.02
C GLY A 196 12.72 1.47 30.87
N VAL A 197 11.59 2.15 31.05
CA VAL A 197 10.48 1.61 31.87
C VAL A 197 9.73 0.45 31.14
N LEU A 198 9.60 0.54 29.82
CA LEU A 198 9.04 -0.52 28.96
C LEU A 198 9.92 -1.79 28.97
N LEU A 199 11.22 -1.59 28.75
CA LEU A 199 12.21 -2.61 29.01
C LEU A 199 12.02 -3.27 30.36
N ASP A 200 11.95 -2.48 31.44
CA ASP A 200 11.71 -3.05 32.79
C ASP A 200 10.49 -3.94 32.83
N ALA A 201 9.40 -3.60 32.12
CA ALA A 201 8.15 -4.42 32.10
C ALA A 201 8.23 -5.78 31.39
N VAL A 202 9.17 -5.94 30.45
CA VAL A 202 9.31 -7.17 29.67
C VAL A 202 10.62 -7.91 29.95
N ALA A 203 11.31 -7.50 31.02
CA ALA A 203 12.59 -8.10 31.47
C ALA A 203 12.55 -9.62 31.77
N GLU A 204 11.40 -10.15 32.17
CA GLU A 204 11.21 -11.60 32.35
C GLU A 204 10.97 -12.32 31.02
N ARG A 205 10.75 -11.59 29.92
CA ARG A 205 10.28 -12.13 28.65
C ARG A 205 11.08 -11.68 27.40
N ALA A 206 12.26 -11.11 27.60
CA ALA A 206 13.08 -10.63 26.51
C ALA A 206 14.50 -10.31 26.99
N ASP A 207 15.39 -10.12 26.03
CA ASP A 207 16.75 -9.77 26.38
C ASP A 207 16.83 -8.26 26.44
N THR A 208 16.48 -7.68 27.60
CA THR A 208 16.47 -6.20 27.78
C THR A 208 17.86 -5.61 27.94
N SER A 209 18.88 -6.44 27.84
CA SER A 209 20.23 -5.96 27.73
C SER A 209 20.54 -5.41 26.33
N ARG A 210 19.76 -5.85 25.33
CA ARG A 210 19.95 -5.44 23.95
C ARG A 210 18.62 -4.90 23.37
N ALA A 211 18.45 -3.57 23.37
CA ALA A 211 17.21 -2.93 22.88
C ALA A 211 17.52 -2.03 21.72
N TYR A 212 16.58 -1.95 20.78
CA TYR A 212 16.72 -1.18 19.57
C TYR A 212 15.44 -0.37 19.36
N ALA A 213 15.59 0.93 19.11
CA ALA A 213 14.43 1.85 18.96
C ALA A 213 14.19 2.15 17.51
N LEU A 214 13.07 1.65 17.01
CA LEU A 214 12.57 2.02 15.70
C LEU A 214 11.58 3.13 15.96
N ALA A 215 12.10 4.36 16.00
CA ALA A 215 11.45 5.49 16.68
C ALA A 215 11.32 6.59 15.64
N LEU A 216 10.14 6.68 15.05
CA LEU A 216 9.83 7.54 13.92
C LEU A 216 9.55 8.97 14.40
N SER A 217 10.05 9.96 13.67
CA SER A 217 9.70 11.33 13.90
C SER A 217 10.08 11.74 15.35
N PHE A 218 9.17 12.37 16.08
CA PHE A 218 9.46 12.92 17.46
C PHE A 218 9.93 11.86 18.46
N SER A 219 9.54 10.59 18.23
CA SER A 219 9.97 9.55 19.13
C SER A 219 11.48 9.28 18.96
N GLY A 220 11.97 9.50 17.74
CA GLY A 220 13.36 9.53 17.44
C GLY A 220 14.15 10.55 18.21
N HIS A 221 13.59 11.73 18.35
CA HIS A 221 14.17 12.74 19.23
C HIS A 221 14.27 12.26 20.67
N LEU A 222 13.17 11.68 21.15
CA LEU A 222 13.12 11.13 22.51
C LEU A 222 14.18 10.03 22.69
N ALA A 223 14.36 9.20 21.64
CA ALA A 223 15.36 8.11 21.67
C ALA A 223 16.76 8.65 21.76
N LEU A 224 17.06 9.63 20.93
CA LEU A 224 18.35 10.32 20.98
C LEU A 224 18.71 10.89 22.35
N ARG A 225 17.74 11.54 22.95
CA ARG A 225 17.83 12.09 24.26
C ARG A 225 18.04 10.99 25.33
N ALA A 226 17.39 9.85 25.19
CA ALA A 226 17.53 8.79 26.18
C ALA A 226 18.87 8.06 26.07
N ALA A 227 19.44 8.00 24.89
CA ALA A 227 20.64 7.18 24.68
C ALA A 227 21.79 7.36 25.72
N PRO A 228 22.28 8.60 25.94
CA PRO A 228 23.41 8.83 26.83
C PRO A 228 23.25 8.34 28.28
N SER A 229 22.02 8.22 28.76
CA SER A 229 21.83 7.70 30.12
C SER A 229 21.03 6.41 30.15
N GLU A 230 20.94 5.70 29.02
CA GLU A 230 20.31 4.37 29.01
C GLU A 230 21.12 3.44 28.14
N PRO A 231 22.12 2.76 28.76
CA PRO A 231 23.02 1.88 27.98
C PRO A 231 22.38 0.63 27.35
N ARG A 232 21.18 0.22 27.79
CA ARG A 232 20.47 -0.91 27.13
C ARG A 232 19.95 -0.58 25.70
N LEU A 233 19.83 0.69 25.39
CA LEU A 233 19.54 1.11 24.02
C LEU A 233 20.82 0.99 23.19
N ARG A 234 20.79 0.09 22.21
CA ARG A 234 21.94 -0.24 21.40
C ARG A 234 21.95 0.29 19.99
N GLY A 235 20.83 0.86 19.55
CA GLY A 235 20.74 1.41 18.20
C GLY A 235 19.42 2.10 18.01
N ILE A 236 19.38 3.04 17.10
CA ILE A 236 18.17 3.81 16.82
C ILE A 236 17.99 3.87 15.31
N VAL A 237 16.79 3.62 14.84
CA VAL A 237 16.44 3.84 13.44
C VAL A 237 15.28 4.80 13.44
N THR A 238 15.43 5.96 12.79
CA THR A 238 14.39 7.00 12.75
C THR A 238 14.07 7.46 11.35
N ALA A 239 13.05 8.32 11.27
CA ALA A 239 12.66 9.02 10.08
C ALA A 239 12.17 10.39 10.49
N GLY A 240 12.89 11.42 10.00
CA GLY A 240 12.55 12.81 10.23
C GLY A 240 12.43 13.18 11.70
N ALA A 241 13.35 12.69 12.52
CA ALA A 241 13.38 13.13 13.90
C ALA A 241 13.81 14.58 14.02
N PRO A 242 13.12 15.35 14.88
CA PRO A 242 13.61 16.69 15.26
C PRO A 242 14.90 16.57 16.09
N VAL A 243 15.80 17.57 15.96
CA VAL A 243 17.11 17.53 16.64
C VAL A 243 17.36 18.79 17.49
N ALA A 244 17.57 19.94 16.82
CA ALA A 244 17.92 21.22 17.47
C ALA A 244 17.31 22.45 16.79
N ALA A 245 17.66 22.67 15.53
CA ALA A 245 17.00 23.70 14.70
C ALA A 245 15.44 23.68 14.80
N PHE A 246 14.81 22.50 14.85
CA PHE A 246 13.33 22.43 15.00
C PHE A 246 12.81 23.26 16.18
N PHE A 247 13.54 23.18 17.30
CA PHE A 247 13.20 23.87 18.54
C PHE A 247 13.75 25.31 18.68
N THR A 248 14.81 25.66 17.96
CA THR A 248 15.50 26.97 18.09
C THR A 248 15.22 28.01 16.98
N ASP A 249 14.80 27.58 15.80
CA ASP A 249 14.71 28.43 14.62
C ASP A 249 13.24 28.86 14.49
N LYS A 250 12.98 30.11 14.88
CA LYS A 250 11.63 30.65 14.93
C LYS A 250 10.99 30.94 13.60
N GLU A 251 11.79 31.29 12.61
CA GLU A 251 11.23 31.55 11.29
C GLU A 251 10.67 30.26 10.75
N TRP A 252 11.50 29.22 10.78
CA TRP A 252 10.98 27.90 10.39
C TRP A 252 9.70 27.54 11.18
N GLN A 253 9.68 27.84 12.47
CA GLN A 253 8.50 27.47 13.28
C GLN A 253 7.22 28.13 12.84
N ALA A 254 7.30 29.36 12.34
CA ALA A 254 6.13 30.16 11.89
C ALA A 254 5.38 29.51 10.70
N ALA A 255 6.10 28.73 9.89
CA ALA A 255 5.56 28.06 8.72
C ALA A 255 5.19 26.57 8.96
N VAL A 256 5.55 26.02 10.13
CA VAL A 256 5.17 24.66 10.53
C VAL A 256 3.62 24.55 10.55
N PRO A 257 3.04 23.45 9.98
CA PRO A 257 1.57 23.24 9.98
C PRO A 257 0.92 23.36 11.34
N ARG A 258 -0.30 23.90 11.36
CA ARG A 258 -1.07 24.14 12.58
C ARG A 258 -1.27 22.82 13.37
N VAL A 259 -1.51 21.74 12.66
CA VAL A 259 -1.73 20.46 13.31
C VAL A 259 -0.54 20.00 14.13
N THR A 260 0.68 20.14 13.64
CA THR A 260 1.89 19.87 14.43
C THR A 260 1.90 20.71 15.73
N VAL A 261 1.57 21.98 15.61
CA VAL A 261 1.68 22.92 16.70
C VAL A 261 0.61 22.60 17.72
N ASP A 262 -0.59 22.34 17.24
CA ASP A 262 -1.73 22.02 18.16
C ASP A 262 -1.54 20.71 18.88
N THR A 263 -1.16 19.67 18.16
CA THR A 263 -0.96 18.38 18.74
C THR A 263 0.16 18.45 19.79
N LEU A 264 1.28 19.08 19.44
CA LEU A 264 2.40 19.15 20.37
C LEU A 264 1.99 19.95 21.65
N ALA A 265 1.15 20.96 21.45
CA ALA A 265 0.54 21.70 22.58
C ALA A 265 -0.26 20.73 23.47
N ARG A 266 -1.13 19.94 22.85
CA ARG A 266 -1.92 19.00 23.57
C ARG A 266 -1.05 18.00 24.38
N LEU A 267 -0.05 17.40 23.73
CA LEU A 267 0.81 16.39 24.34
C LEU A 267 1.64 16.97 25.51
N THR A 268 2.32 18.09 25.28
CA THR A 268 3.04 18.82 26.35
C THR A 268 2.14 19.48 27.44
N GLN A 269 0.84 19.63 27.20
CA GLN A 269 -0.11 20.24 28.19
C GLN A 269 0.23 21.72 28.35
N THR A 270 0.51 22.35 27.20
CA THR A 270 0.64 23.78 27.06
C THR A 270 -0.44 24.26 26.06
N THR A 271 -0.15 25.25 25.23
CA THR A 271 -1.15 25.92 24.38
C THR A 271 -0.49 26.19 23.04
N PRO A 272 -1.29 26.25 21.95
CA PRO A 272 -0.68 26.48 20.63
C PRO A 272 0.27 27.66 20.54
N ALA A 273 -0.07 28.75 21.21
CA ALA A 273 0.75 29.96 21.22
C ALA A 273 2.02 29.91 22.14
N THR A 274 2.12 28.93 23.05
CA THR A 274 3.23 28.83 24.01
C THR A 274 4.14 27.65 23.78
N VAL A 275 3.67 26.66 23.01
CA VAL A 275 4.39 25.42 22.89
C VAL A 275 5.81 25.61 22.38
N PHE A 276 6.07 26.40 21.37
CA PHE A 276 7.51 26.48 20.91
C PHE A 276 8.52 27.07 21.96
N ASP A 277 8.11 28.10 22.68
CA ASP A 277 8.85 28.59 23.82
C ASP A 277 9.01 27.48 24.93
N HIS A 278 7.93 26.72 25.20
CA HIS A 278 7.95 25.62 26.14
C HIS A 278 8.99 24.61 25.84
N VAL A 279 9.10 24.24 24.56
CA VAL A 279 9.95 23.13 24.19
C VAL A 279 11.32 23.57 23.66
N ARG A 280 11.70 24.82 23.84
CA ARG A 280 12.98 25.38 23.31
C ARG A 280 14.22 24.66 23.87
N ASN A 281 14.16 24.26 25.16
CA ASN A 281 15.26 23.51 25.82
C ASN A 281 15.29 21.98 25.51
N TRP A 282 14.41 21.51 24.61
CA TRP A 282 14.48 20.12 24.08
C TRP A 282 15.63 19.98 23.04
N ALA A 283 16.15 21.11 22.54
CA ALA A 283 17.24 21.08 21.58
C ALA A 283 18.35 20.18 22.09
N LEU A 284 18.70 19.17 21.31
CA LEU A 284 19.93 18.38 21.49
C LEU A 284 21.21 19.20 21.21
N THR A 285 21.96 19.48 22.26
CA THR A 285 23.24 20.17 22.13
C THR A 285 24.29 19.21 21.59
N PRO A 286 25.39 19.76 21.06
CA PRO A 286 26.58 18.93 20.78
C PRO A 286 27.12 18.07 21.97
N GLN A 287 27.07 18.56 23.23
CA GLN A 287 27.36 17.69 24.39
C GLN A 287 26.40 16.49 24.42
N ASP A 288 25.11 16.70 24.10
CA ASP A 288 24.09 15.59 24.11
C ASP A 288 24.28 14.59 23.00
N LEU A 289 24.57 15.07 21.79
CA LEU A 289 24.81 14.18 20.65
C LEU A 289 26.09 13.35 20.79
N ALA A 290 27.07 13.86 21.55
CA ALA A 290 28.36 13.19 21.76
C ALA A 290 28.21 12.03 22.71
N GLY A 291 27.21 12.11 23.58
CA GLY A 291 26.86 11.00 24.48
C GLY A 291 26.13 9.87 23.76
N VAL A 292 25.78 10.05 22.48
CA VAL A 292 25.09 9.05 21.69
C VAL A 292 26.17 8.19 21.08
N ARG A 293 26.47 7.09 21.75
CA ARG A 293 27.58 6.18 21.43
C ARG A 293 27.04 4.86 20.84
N ILE A 294 26.00 4.94 20.01
CA ILE A 294 25.36 3.78 19.41
C ILE A 294 25.03 4.15 17.95
N PRO A 295 24.88 3.15 17.05
CA PRO A 295 24.47 3.42 15.67
C PRO A 295 23.14 4.12 15.59
N VAL A 296 23.07 5.15 14.74
CA VAL A 296 21.84 5.92 14.47
C VAL A 296 21.58 5.96 12.98
N ALA A 297 20.49 5.34 12.53
CA ALA A 297 20.02 5.48 11.14
C ALA A 297 18.88 6.48 11.04
N TYR A 298 18.87 7.28 9.98
CA TYR A 298 17.92 8.41 9.82
C TYR A 298 17.39 8.49 8.39
N VAL A 299 16.08 8.34 8.22
CA VAL A 299 15.48 8.54 6.89
C VAL A 299 15.04 9.98 6.79
N ALA A 300 15.56 10.72 5.80
CA ALA A 300 15.31 12.17 5.66
C ALA A 300 14.44 12.45 4.48
N SER A 301 13.66 13.53 4.56
CA SER A 301 12.74 13.90 3.49
C SER A 301 13.13 15.28 2.96
N GLY A 302 13.35 15.36 1.64
CA GLY A 302 13.79 16.57 0.96
C GLY A 302 12.80 17.72 1.05
N ARG A 303 11.50 17.38 1.06
CA ARG A 303 10.40 18.35 1.21
C ARG A 303 9.75 18.31 2.62
N ASP A 304 10.55 18.04 3.64
CA ASP A 304 10.00 17.95 4.98
C ASP A 304 9.47 19.34 5.39
N GLU A 305 8.18 19.35 5.71
CA GLU A 305 7.45 20.55 6.16
C GLU A 305 7.65 20.85 7.69
N ILE A 306 8.20 19.88 8.40
CA ILE A 306 8.25 19.91 9.83
C ILE A 306 9.69 20.08 10.33
N ILE A 307 10.66 19.38 9.72
CA ILE A 307 12.06 19.34 10.18
C ILE A 307 12.95 20.19 9.30
N PRO A 308 13.70 21.12 9.88
CA PRO A 308 14.61 21.84 9.01
C PRO A 308 15.80 20.97 8.57
N PRO A 309 16.31 21.20 7.35
CA PRO A 309 17.56 20.59 6.86
C PRO A 309 18.77 20.58 7.83
N ALA A 310 18.90 21.62 8.66
CA ALA A 310 19.98 21.72 9.64
C ALA A 310 20.02 20.57 10.65
N ASP A 311 18.89 19.94 10.91
CA ASP A 311 18.83 18.85 11.88
C ASP A 311 19.46 17.54 11.46
N PRO A 312 19.07 16.99 10.28
CA PRO A 312 19.83 15.85 9.78
C PRO A 312 21.32 16.12 9.67
N ALA A 313 21.69 17.32 9.17
CA ALA A 313 23.10 17.78 9.06
C ALA A 313 23.81 17.74 10.40
N LEU A 314 23.13 18.16 11.47
CA LEU A 314 23.76 18.16 12.80
C LEU A 314 24.06 16.74 13.31
N LEU A 315 23.19 15.80 12.98
CA LEU A 315 23.51 14.41 13.32
C LEU A 315 24.69 13.89 12.48
N ARG A 316 24.73 14.21 11.18
CA ARG A 316 25.87 13.81 10.31
C ARG A 316 27.23 14.32 10.87
N THR A 317 27.22 15.49 11.50
CA THR A 317 28.43 16.11 12.02
C THR A 317 28.83 15.56 13.39
N HIS A 318 27.85 15.27 14.22
CA HIS A 318 28.13 14.97 15.62
C HIS A 318 27.92 13.54 16.06
N VAL A 319 27.19 12.73 15.31
CA VAL A 319 26.96 11.35 15.75
C VAL A 319 27.97 10.40 15.13
N ARG A 320 28.73 9.67 15.95
CA ARG A 320 29.93 8.96 15.47
C ARG A 320 29.62 7.86 14.45
N ASP A 321 28.47 7.18 14.60
CA ASP A 321 27.99 6.11 13.69
C ASP A 321 26.58 6.46 13.14
N PHE A 322 26.57 7.27 12.10
CA PHE A 322 25.35 7.78 11.45
C PHE A 322 25.18 7.16 10.07
N ARG A 323 23.99 6.65 9.80
CA ARG A 323 23.63 6.11 8.48
C ARG A 323 22.39 6.86 8.08
N THR A 324 22.32 7.25 6.82
CA THR A 324 21.24 8.08 6.37
C THR A 324 20.91 7.89 4.92
N ILE A 325 19.68 8.25 4.57
CA ILE A 325 19.22 8.27 3.20
C ILE A 325 18.16 9.37 3.04
N THR A 326 18.03 9.92 1.85
CA THR A 326 17.16 11.03 1.61
C THR A 326 16.26 10.71 0.44
N HIS A 327 14.98 10.97 0.63
CA HIS A 327 13.98 10.88 -0.44
C HIS A 327 13.42 12.25 -0.70
N ASP A 328 13.03 12.46 -1.96
CA ASP A 328 12.33 13.66 -2.37
C ASP A 328 10.87 13.44 -2.01
N ASP A 329 10.51 13.80 -0.79
CA ASP A 329 9.17 13.54 -0.31
C ASP A 329 8.91 14.44 0.89
N VAL A 330 7.66 14.39 1.38
CA VAL A 330 7.22 15.11 2.56
C VAL A 330 7.47 14.23 3.81
N HIS A 331 7.11 14.74 4.99
CA HIS A 331 7.36 14.07 6.26
C HIS A 331 6.81 12.65 6.36
N GLY A 332 7.66 11.75 6.81
CA GLY A 332 7.37 10.32 6.82
C GLY A 332 7.53 9.61 5.46
N SER A 333 8.02 10.33 4.42
CA SER A 333 8.17 9.81 3.03
C SER A 333 7.11 8.79 2.57
N PRO A 334 5.80 9.15 2.65
CA PRO A 334 4.78 8.13 2.36
C PRO A 334 4.79 7.60 0.90
N ALA A 335 5.30 8.36 -0.06
CA ALA A 335 5.44 7.85 -1.42
C ALA A 335 6.63 6.92 -1.61
N HIS A 336 7.40 6.66 -0.54
CA HIS A 336 8.62 5.85 -0.63
C HIS A 336 8.63 4.78 0.43
N PHE A 337 7.46 4.34 0.84
CA PHE A 337 7.36 3.27 1.80
C PHE A 337 8.04 1.97 1.33
N PRO A 338 7.88 1.57 0.04
CA PRO A 338 8.58 0.35 -0.43
C PRO A 338 10.08 0.35 -0.16
N HIS A 339 10.70 1.53 -0.32
CA HIS A 339 12.12 1.65 -0.06
C HIS A 339 12.41 1.79 1.43
N THR A 340 11.63 2.60 2.15
CA THR A 340 11.95 2.89 3.55
C THR A 340 11.68 1.69 4.48
N ARG A 341 10.66 0.88 4.19
CA ARG A 341 10.43 -0.35 4.99
C ARG A 341 11.64 -1.30 4.96
N LEU A 342 12.26 -1.44 3.80
CA LEU A 342 13.36 -2.38 3.60
C LEU A 342 14.66 -1.79 4.12
N TRP A 343 14.84 -0.48 3.92
CA TRP A 343 16.03 0.17 4.40
C TRP A 343 16.08 0.23 5.93
N THR A 344 14.96 0.63 6.58
CA THR A 344 14.88 0.68 8.05
C THR A 344 15.07 -0.71 8.64
N LEU A 345 14.45 -1.71 8.01
CA LEU A 345 14.59 -3.10 8.48
C LEU A 345 16.05 -3.61 8.33
N ALA A 346 16.69 -3.37 7.18
CA ALA A 346 18.11 -3.73 6.97
C ALA A 346 19.00 -3.16 8.07
N GLN A 347 18.77 -1.88 8.38
CA GLN A 347 19.51 -1.21 9.42
C GLN A 347 19.26 -1.86 10.76
N VAL A 348 18.03 -2.11 11.13
CA VAL A 348 17.72 -2.84 12.38
C VAL A 348 18.44 -4.20 12.51
N LEU A 349 18.46 -4.99 11.44
CA LEU A 349 19.07 -6.32 11.50
C LEU A 349 20.60 -6.27 11.59
N GLU A 350 21.20 -5.27 10.95
CA GLU A 350 22.64 -5.06 11.04
C GLU A 350 23.04 -4.65 12.45
N MET A 351 22.33 -3.66 13.00
CA MET A 351 22.60 -3.17 14.35
C MET A 351 22.47 -4.25 15.41
N SER A 352 21.48 -5.11 15.26
CA SER A 352 21.23 -6.14 16.26
C SER A 352 22.00 -7.45 16.04
N GLY A 353 22.74 -7.58 14.93
CA GLY A 353 23.43 -8.84 14.59
C GLY A 353 22.43 -9.98 14.50
N ALA A 354 21.35 -9.76 13.76
CA ALA A 354 20.35 -10.77 13.51
C ALA A 354 20.90 -11.79 12.53
N ASP A 355 20.24 -12.93 12.50
CA ASP A 355 20.62 -14.08 11.67
C ASP A 355 20.98 -13.67 10.23
N PRO A 356 22.16 -14.04 9.70
CA PRO A 356 22.49 -13.82 8.26
C PRO A 356 21.43 -14.22 7.22
N ARG A 357 20.66 -15.26 7.48
CA ARG A 357 19.61 -15.65 6.55
C ARG A 357 18.53 -14.56 6.38
N HIS A 358 18.09 -13.99 7.49
CA HIS A 358 17.19 -12.84 7.49
C HIS A 358 17.83 -11.61 6.81
N ARG A 359 19.09 -11.32 7.15
CA ARG A 359 19.81 -10.20 6.52
C ARG A 359 19.98 -10.32 4.99
N ALA A 360 20.25 -11.53 4.50
CA ALA A 360 20.41 -11.76 3.07
C ALA A 360 19.08 -11.56 2.36
N ALA A 361 17.99 -12.10 2.93
CA ALA A 361 16.64 -11.95 2.38
C ALA A 361 16.21 -10.48 2.20
N VAL A 362 16.29 -9.70 3.29
CA VAL A 362 16.01 -8.27 3.24
C VAL A 362 16.96 -7.52 2.30
N ASP A 363 18.25 -7.85 2.32
CA ASP A 363 19.22 -7.09 1.51
C ASP A 363 19.05 -7.41 0.01
N GLY A 364 18.56 -8.63 -0.26
CA GLY A 364 18.16 -9.01 -1.62
C GLY A 364 16.93 -8.24 -2.07
N ALA A 365 15.93 -8.15 -1.19
CA ALA A 365 14.72 -7.39 -1.44
C ALA A 365 15.04 -5.91 -1.55
N LEU A 366 15.98 -5.42 -0.76
CA LEU A 366 16.38 -4.03 -0.82
C LEU A 366 17.10 -3.67 -2.14
N ALA A 367 18.02 -4.52 -2.57
CA ALA A 367 18.73 -4.36 -3.87
C ALA A 367 17.77 -4.34 -5.08
N GLN A 368 16.78 -5.23 -5.03
CA GLN A 368 15.63 -5.23 -5.94
C GLN A 368 14.92 -3.86 -6.10
N VAL A 369 14.52 -3.20 -5.01
CA VAL A 369 13.87 -1.87 -5.16
C VAL A 369 14.76 -0.70 -5.68
N GLU A 370 16.09 -0.78 -5.53
CA GLU A 370 17.01 0.31 -5.96
C GLU A 370 17.46 0.27 -7.43
N ASN B 22 7.32 -24.05 -12.96
CA ASN B 22 7.71 -22.61 -12.79
C ASN B 22 9.00 -22.46 -11.93
N ASP B 23 9.68 -21.34 -12.15
CA ASP B 23 10.94 -20.99 -11.51
C ASP B 23 10.55 -20.27 -10.25
N VAL B 24 10.75 -20.91 -9.12
CA VAL B 24 10.25 -20.40 -7.86
C VAL B 24 10.90 -19.06 -7.49
N ALA B 25 12.12 -18.80 -7.91
CA ALA B 25 12.74 -17.47 -7.71
C ALA B 25 11.99 -16.38 -8.46
N GLU B 26 11.55 -16.65 -9.68
CA GLU B 26 10.74 -15.66 -10.43
C GLU B 26 9.47 -15.33 -9.68
N LEU B 27 8.76 -16.39 -9.29
CA LEU B 27 7.53 -16.31 -8.51
C LEU B 27 7.69 -15.40 -7.27
N LYS B 28 8.74 -15.62 -6.50
CA LYS B 28 8.97 -14.88 -5.27
C LYS B 28 9.29 -13.41 -5.56
N GLN B 29 10.10 -13.14 -6.57
CA GLN B 29 10.30 -11.76 -7.00
C GLN B 29 9.03 -10.99 -7.38
N TYR B 30 8.08 -11.58 -8.08
CA TYR B 30 6.77 -10.88 -8.29
C TYR B 30 6.16 -10.47 -6.94
N VAL B 31 6.21 -11.34 -5.94
CA VAL B 31 5.65 -11.02 -4.63
C VAL B 31 6.47 -9.91 -3.97
N LEU B 32 7.78 -10.01 -4.06
CA LEU B 32 8.67 -8.97 -3.54
C LEU B 32 8.36 -7.57 -4.12
N ALA B 33 8.14 -7.51 -5.43
CA ALA B 33 7.97 -6.24 -6.14
C ALA B 33 6.54 -5.71 -6.18
N HIS B 34 5.52 -6.59 -6.14
CA HIS B 34 4.13 -6.18 -6.41
C HIS B 34 3.15 -6.34 -5.23
N VAL B 35 3.60 -7.00 -4.16
CA VAL B 35 2.75 -7.41 -3.04
C VAL B 35 3.33 -7.06 -1.64
N SER B 36 4.61 -7.35 -1.39
CA SER B 36 5.14 -7.27 -0.03
C SER B 36 4.88 -5.92 0.62
N ALA B 37 5.15 -4.84 -0.11
CA ALA B 37 4.94 -3.49 0.41
C ALA B 37 3.47 -3.19 0.82
N GLN B 38 2.50 -3.87 0.20
CA GLN B 38 1.05 -3.78 0.56
C GLN B 38 0.61 -4.74 1.67
N ASN B 39 1.29 -5.89 1.81
CA ASN B 39 0.99 -6.88 2.88
C ASN B 39 2.31 -7.54 3.33
N ALA B 40 2.79 -7.19 4.52
CA ALA B 40 4.12 -7.67 4.98
C ALA B 40 4.06 -9.11 5.49
N SER B 41 2.88 -9.59 5.89
CA SER B 41 2.69 -11.06 6.09
C SER B 41 3.19 -11.88 4.88
N ALA B 42 3.08 -11.32 3.66
CA ALA B 42 3.60 -11.98 2.47
C ALA B 42 5.07 -12.43 2.64
N ASP B 43 5.98 -11.55 3.11
CA ASP B 43 7.39 -11.98 3.34
C ASP B 43 7.55 -13.19 4.27
N GLY B 44 6.57 -13.43 5.14
CA GLY B 44 6.59 -14.52 6.06
C GLY B 44 6.31 -15.86 5.43
N VAL B 45 5.36 -15.87 4.50
CA VAL B 45 5.02 -17.02 3.70
C VAL B 45 6.13 -17.31 2.67
N LEU B 46 6.73 -16.27 2.07
CA LEU B 46 7.91 -16.47 1.15
C LEU B 46 9.05 -17.21 1.80
N ALA B 47 9.33 -16.90 3.07
CA ALA B 47 10.34 -17.61 3.85
C ALA B 47 10.07 -19.12 4.11
N ARG B 48 8.86 -19.61 3.82
CA ARG B 48 8.50 -21.05 3.98
C ARG B 48 8.31 -21.80 2.67
N ILE B 49 8.62 -21.16 1.56
CA ILE B 49 8.38 -21.72 0.25
C ILE B 49 9.74 -22.07 -0.33
N ASP B 50 9.98 -23.34 -0.61
CA ASP B 50 11.25 -23.77 -1.26
C ASP B 50 11.15 -24.15 -2.73
N ASP B 51 9.94 -24.49 -3.20
CA ASP B 51 9.74 -24.95 -4.56
C ASP B 51 8.31 -24.70 -5.07
N ASP B 52 8.07 -25.03 -6.34
CA ASP B 52 6.76 -24.93 -6.98
C ASP B 52 6.12 -26.33 -7.23
N GLY B 53 6.40 -27.29 -6.35
CA GLY B 53 5.80 -28.64 -6.42
C GLY B 53 4.42 -28.68 -5.78
N ASP B 54 4.11 -29.79 -5.15
CA ASP B 54 2.92 -29.91 -4.32
C ASP B 54 3.22 -30.40 -2.90
N GLY B 55 4.44 -30.23 -2.43
CA GLY B 55 4.82 -30.63 -1.08
C GLY B 55 4.35 -29.64 -0.01
N PRO B 56 4.67 -29.91 1.26
CA PRO B 56 4.28 -28.95 2.30
C PRO B 56 5.05 -27.62 2.31
N ARG B 57 6.23 -27.57 1.68
CA ARG B 57 7.05 -26.34 1.58
C ARG B 57 6.99 -25.73 0.18
N SER B 58 5.99 -26.13 -0.61
CA SER B 58 5.80 -25.63 -1.97
C SER B 58 4.99 -24.32 -2.01
N TRP B 59 5.15 -23.58 -3.10
CA TRP B 59 4.42 -22.33 -3.32
C TRP B 59 2.91 -22.44 -3.16
N THR B 60 2.29 -23.33 -3.91
CA THR B 60 0.83 -23.42 -3.87
C THR B 60 0.29 -23.80 -2.47
N THR B 61 0.95 -24.70 -1.74
CA THR B 61 0.45 -25.15 -0.45
C THR B 61 0.56 -24.07 0.63
N GLN B 62 1.66 -23.35 0.59
CA GLN B 62 1.91 -22.31 1.57
C GLN B 62 0.96 -21.17 1.42
N TRP B 63 0.75 -20.71 0.19
CA TRP B 63 -0.24 -19.66 -0.07
C TRP B 63 -1.68 -20.10 0.31
N ILE B 64 -2.08 -21.33 0.00
CA ILE B 64 -3.41 -21.85 0.40
C ILE B 64 -3.54 -21.90 1.92
N ARG B 65 -2.51 -22.40 2.61
CA ARG B 65 -2.58 -22.47 4.08
C ARG B 65 -2.70 -21.08 4.73
N ALA B 66 -1.93 -20.12 4.20
CA ALA B 66 -2.02 -18.72 4.61
C ALA B 66 -3.41 -18.02 4.35
N GLY B 67 -4.03 -18.31 3.19
CA GLY B 67 -5.41 -17.88 2.94
C GLY B 67 -6.45 -18.53 3.88
N GLU B 68 -6.36 -19.83 4.14
CA GLU B 68 -7.21 -20.52 5.16
C GLU B 68 -7.13 -19.90 6.54
N GLU B 69 -5.90 -19.60 6.98
CA GLU B 69 -5.70 -19.01 8.27
C GLU B 69 -6.38 -17.62 8.33
N ARG B 70 -6.13 -16.77 7.34
CA ARG B 70 -6.80 -15.45 7.32
C ARG B 70 -8.31 -15.53 7.00
N GLU B 71 -8.76 -16.51 6.22
CA GLU B 71 -10.20 -16.73 6.00
C GLU B 71 -10.91 -17.20 7.29
N GLN B 72 -10.34 -18.17 8.00
CA GLN B 72 -10.88 -18.62 9.31
C GLN B 72 -10.91 -17.43 10.32
N ALA B 73 -9.96 -16.50 10.21
CA ALA B 73 -9.92 -15.34 11.11
C ALA B 73 -10.88 -14.19 10.74
N GLY B 74 -11.47 -14.23 9.56
CA GLY B 74 -12.40 -13.19 9.10
C GLY B 74 -11.80 -12.12 8.20
N ASP B 75 -10.51 -12.23 7.82
CA ASP B 75 -9.86 -11.27 6.91
C ASP B 75 -10.06 -11.82 5.50
N LEU B 76 -11.20 -11.49 4.92
CA LEU B 76 -11.62 -12.01 3.65
C LEU B 76 -10.76 -11.40 2.51
N LEU B 77 -10.36 -10.14 2.60
CA LEU B 77 -9.47 -9.56 1.54
C LEU B 77 -8.08 -10.11 1.62
N ALA B 78 -7.52 -10.16 2.82
CA ALA B 78 -6.21 -10.83 2.98
C ALA B 78 -6.26 -12.27 2.41
N ALA B 79 -7.37 -12.99 2.66
CA ALA B 79 -7.52 -14.36 2.20
C ALA B 79 -7.60 -14.42 0.70
N THR B 80 -8.49 -13.60 0.13
CA THR B 80 -8.50 -13.31 -1.32
C THR B 80 -7.08 -13.16 -1.90
N THR B 81 -6.25 -12.31 -1.28
CA THR B 81 -4.89 -12.07 -1.82
C THR B 81 -4.04 -13.33 -1.82
N PHE B 82 -4.06 -14.04 -0.72
CA PHE B 82 -3.27 -15.28 -0.58
C PHE B 82 -3.73 -16.43 -1.51
N TYR B 83 -5.03 -16.67 -1.62
CA TYR B 83 -5.53 -17.62 -2.61
C TYR B 83 -5.19 -17.21 -4.05
N ASN B 84 -5.19 -15.90 -4.30
CA ASN B 84 -4.76 -15.38 -5.60
C ASN B 84 -3.29 -15.79 -5.85
N LEU B 85 -2.44 -15.59 -4.84
CA LEU B 85 -1.04 -15.95 -5.01
C LEU B 85 -0.87 -17.47 -5.22
N ALA B 86 -1.63 -18.29 -4.50
CA ALA B 86 -1.55 -19.75 -4.68
C ALA B 86 -1.78 -20.18 -6.14
N ARG B 87 -2.74 -19.52 -6.75
CA ARG B 87 -3.16 -19.76 -8.10
C ARG B 87 -2.12 -19.26 -9.11
N PHE B 88 -1.53 -18.10 -8.82
CA PHE B 88 -0.55 -17.42 -9.69
C PHE B 88 0.55 -18.40 -10.04
N PRO B 89 1.01 -18.44 -11.30
CA PRO B 89 0.66 -17.48 -12.37
C PRO B 89 -0.49 -17.90 -13.25
N PHE B 90 -0.82 -19.18 -13.24
CA PHE B 90 -1.95 -19.75 -13.98
C PHE B 90 -2.18 -21.16 -13.49
N VAL B 91 -3.42 -21.64 -13.66
CA VAL B 91 -3.81 -22.94 -13.15
C VAL B 91 -3.19 -24.05 -14.03
N ASP B 92 -2.19 -24.74 -13.46
CA ASP B 92 -1.48 -25.87 -14.08
C ASP B 92 -1.52 -27.16 -13.24
N SER B 93 -2.41 -27.23 -12.25
CA SER B 93 -2.47 -28.31 -11.29
C SER B 93 -3.80 -28.30 -10.53
N PRO B 94 -4.17 -29.43 -9.89
CA PRO B 94 -5.39 -29.43 -9.05
C PRO B 94 -5.27 -28.53 -7.80
N GLY B 95 -4.06 -28.33 -7.29
CA GLY B 95 -3.84 -27.39 -6.19
C GLY B 95 -4.16 -25.95 -6.55
N ARG B 96 -3.66 -25.48 -7.70
CA ARG B 96 -3.93 -24.10 -8.14
C ARG B 96 -5.39 -23.87 -8.50
N ALA B 97 -6.00 -24.85 -9.15
CA ALA B 97 -7.42 -24.83 -9.50
C ALA B 97 -8.29 -24.67 -8.27
N GLU B 98 -7.88 -25.35 -7.20
CA GLU B 98 -8.53 -25.27 -5.89
C GLU B 98 -8.33 -23.89 -5.24
N ALA B 99 -7.07 -23.42 -5.22
CA ALA B 99 -6.77 -22.02 -4.90
C ALA B 99 -7.72 -21.03 -5.59
N LEU B 100 -7.82 -21.11 -6.92
CA LEU B 100 -8.67 -20.16 -7.65
C LEU B 100 -10.09 -20.18 -7.17
N ARG B 101 -10.64 -21.40 -7.09
CA ARG B 101 -12.04 -21.62 -6.61
C ARG B 101 -12.32 -21.04 -5.22
N ARG B 102 -11.33 -21.11 -4.35
CA ARG B 102 -11.42 -20.48 -3.05
C ARG B 102 -11.23 -18.98 -3.06
N CYS B 103 -10.39 -18.49 -3.97
CA CYS B 103 -10.25 -17.06 -4.13
C CYS B 103 -11.54 -16.39 -4.63
N VAL B 104 -12.17 -17.02 -5.59
CA VAL B 104 -13.41 -16.51 -6.14
C VAL B 104 -14.50 -16.52 -5.06
N ALA B 105 -14.53 -17.62 -4.29
CA ALA B 105 -15.56 -17.83 -3.26
C ALA B 105 -15.46 -16.86 -2.09
N VAL B 106 -14.22 -16.61 -1.67
CA VAL B 106 -13.96 -15.76 -0.52
C VAL B 106 -14.16 -14.32 -0.98
N PHE B 107 -13.77 -13.99 -2.23
CA PHE B 107 -14.13 -12.68 -2.78
C PHE B 107 -15.65 -12.48 -2.89
N ASP B 108 -16.38 -13.52 -3.27
CA ASP B 108 -17.83 -13.46 -3.35
C ASP B 108 -18.48 -13.18 -2.00
N ARG B 109 -17.94 -13.73 -0.92
CA ARG B 109 -18.44 -13.46 0.45
C ARG B 109 -18.14 -12.02 0.88
N TRP B 110 -16.97 -11.52 0.49
CA TRP B 110 -16.63 -10.15 0.86
C TRP B 110 -17.58 -9.18 0.20
N ARG B 111 -17.80 -9.37 -1.09
CA ARG B 111 -18.57 -8.42 -1.86
C ARG B 111 -20.08 -8.42 -1.50
N ARG B 112 -20.56 -9.48 -0.86
CA ARG B 112 -21.95 -9.49 -0.32
C ARG B 112 -22.12 -8.54 0.86
N THR B 113 -21.02 -8.21 1.53
CA THR B 113 -20.99 -7.24 2.60
C THR B 113 -20.93 -5.80 2.10
N VAL B 114 -20.66 -5.61 0.82
CA VAL B 114 -20.43 -4.30 0.21
C VAL B 114 -21.54 -4.02 -0.81
N PRO B 115 -22.50 -3.13 -0.47
CA PRO B 115 -23.67 -3.05 -1.37
C PRO B 115 -23.29 -2.44 -2.78
N GLY B 116 -23.95 -2.94 -3.81
CA GLY B 116 -23.72 -2.49 -5.20
C GLY B 116 -22.88 -3.41 -6.11
N ILE B 117 -22.01 -4.26 -5.54
CA ILE B 117 -21.14 -5.16 -6.31
C ILE B 117 -21.88 -6.42 -6.76
N GLU B 118 -21.99 -6.63 -8.07
CA GLU B 118 -22.69 -7.80 -8.57
C GLU B 118 -21.86 -8.62 -9.57
N ARG B 119 -22.23 -9.89 -9.69
CA ARG B 119 -21.60 -10.84 -10.61
C ARG B 119 -22.26 -10.77 -11.96
N LEU B 120 -21.48 -10.76 -13.02
CA LEU B 120 -21.96 -10.91 -14.38
C LEU B 120 -21.40 -12.20 -14.91
N GLU B 121 -22.25 -12.94 -15.63
CA GLU B 121 -21.88 -14.19 -16.28
C GLU B 121 -22.36 -14.08 -17.72
N LEU B 122 -21.45 -14.29 -18.64
CA LEU B 122 -21.74 -14.33 -20.03
C LEU B 122 -21.41 -15.72 -20.51
N ARG B 123 -22.38 -16.39 -21.15
CA ARG B 123 -22.18 -17.72 -21.75
C ARG B 123 -22.02 -17.52 -23.26
N LEU B 124 -20.81 -17.74 -23.77
CA LEU B 124 -20.51 -17.45 -25.16
C LEU B 124 -20.32 -18.77 -25.92
N PRO B 125 -20.30 -18.72 -27.29
CA PRO B 125 -19.96 -19.95 -28.06
C PRO B 125 -18.67 -20.59 -27.55
N GLY B 126 -17.61 -19.79 -27.43
CA GLY B 126 -16.31 -20.30 -27.06
C GLY B 126 -16.08 -20.56 -25.58
N GLY B 127 -17.10 -20.39 -24.73
CA GLY B 127 -17.01 -20.62 -23.26
C GLY B 127 -17.60 -19.50 -22.40
N VAL B 128 -17.47 -19.64 -21.09
CA VAL B 128 -18.03 -18.69 -20.10
C VAL B 128 -17.02 -17.62 -19.63
N VAL B 129 -17.44 -16.36 -19.63
CA VAL B 129 -16.68 -15.24 -19.04
C VAL B 129 -17.45 -14.66 -17.83
N ARG B 130 -16.73 -14.43 -16.73
CA ARG B 130 -17.32 -13.81 -15.53
C ARG B 130 -16.73 -12.45 -15.23
N ALA B 131 -17.47 -11.69 -14.43
CA ALA B 131 -17.09 -10.32 -14.15
C ALA B 131 -17.81 -9.78 -12.93
N TRP B 132 -17.18 -8.77 -12.38
CA TRP B 132 -17.66 -8.06 -11.23
C TRP B 132 -17.94 -6.67 -11.76
N ALA B 133 -19.08 -6.14 -11.31
CA ALA B 133 -19.55 -4.81 -11.72
C ALA B 133 -20.18 -4.10 -10.53
N ALA B 134 -20.23 -2.78 -10.67
CA ALA B 134 -20.89 -1.88 -9.77
C ALA B 134 -21.23 -0.62 -10.54
N GLY B 135 -22.18 0.12 -9.97
CA GLY B 135 -22.66 1.36 -10.58
C GLY B 135 -23.63 1.11 -11.71
N LEU B 136 -24.26 -0.07 -11.73
CA LEU B 136 -25.23 -0.41 -12.79
C LEU B 136 -26.59 0.09 -12.37
N SER B 137 -27.41 0.49 -13.32
CA SER B 137 -28.75 1.04 -13.02
C SER B 137 -29.66 0.99 -14.21
N THR B 138 -30.88 0.48 -14.02
CA THR B 138 -31.84 0.41 -15.11
C THR B 138 -32.42 1.78 -15.42
N THR B 139 -32.42 2.69 -14.44
CA THR B 139 -33.02 4.00 -14.65
C THR B 139 -32.01 5.10 -15.00
N GLU B 140 -30.72 4.86 -14.82
CA GLU B 140 -29.71 5.79 -15.39
C GLU B 140 -28.85 5.14 -16.49
N ARG B 141 -28.12 5.97 -17.20
CA ARG B 141 -27.23 5.50 -18.24
C ARG B 141 -25.84 6.07 -17.96
N ARG B 142 -25.10 5.35 -17.12
CA ARG B 142 -23.77 5.77 -16.69
C ARG B 142 -22.72 5.20 -17.61
N PRO B 143 -21.69 6.00 -17.97
CA PRO B 143 -20.70 5.46 -18.90
C PRO B 143 -19.95 4.27 -18.32
N VAL B 144 -19.51 3.39 -19.21
CA VAL B 144 -18.88 2.14 -18.81
C VAL B 144 -17.37 2.32 -18.64
N LEU B 145 -16.88 1.82 -17.53
CA LEU B 145 -15.45 1.65 -17.33
C LEU B 145 -15.23 0.13 -17.29
N LEU B 146 -14.71 -0.41 -18.39
CA LEU B 146 -14.18 -1.79 -18.45
C LEU B 146 -12.74 -1.83 -17.96
N MET B 147 -12.48 -2.61 -16.90
CA MET B 147 -11.14 -2.72 -16.28
C MET B 147 -10.64 -4.16 -16.38
N THR B 148 -9.37 -4.31 -16.76
CA THR B 148 -8.73 -5.64 -16.99
C THR B 148 -7.24 -5.53 -16.72
N GLY B 149 -6.70 -6.49 -15.96
CA GLY B 149 -5.26 -6.62 -15.87
C GLY B 149 -4.56 -7.25 -17.09
N GLY B 150 -3.30 -7.61 -16.89
CA GLY B 150 -2.58 -8.48 -17.80
C GLY B 150 -2.88 -9.99 -17.70
N ILE B 151 -1.90 -10.77 -18.19
CA ILE B 151 -2.02 -12.21 -18.35
C ILE B 151 -1.90 -13.04 -17.04
N VAL B 152 -1.31 -12.48 -15.99
CA VAL B 152 -1.26 -13.12 -14.68
C VAL B 152 -2.23 -12.48 -13.69
N SER B 153 -3.12 -11.60 -14.15
CA SER B 153 -3.93 -10.73 -13.27
C SER B 153 -5.42 -11.11 -13.19
N ILE B 154 -5.83 -11.80 -12.15
CA ILE B 154 -7.26 -12.19 -12.07
C ILE B 154 -8.12 -11.04 -11.61
N LYS B 155 -9.40 -11.22 -11.93
CA LYS B 155 -10.51 -10.27 -11.67
C LYS B 155 -10.50 -9.63 -10.28
N GLU B 156 -10.27 -10.51 -9.30
CA GLU B 156 -10.48 -10.23 -7.90
C GLU B 156 -9.40 -9.32 -7.30
N GLN B 157 -8.31 -9.12 -8.01
CA GLN B 157 -7.30 -8.19 -7.62
C GLN B 157 -7.82 -6.77 -7.67
N TRP B 158 -8.56 -6.42 -8.72
CA TRP B 158 -9.09 -5.07 -8.88
C TRP B 158 -10.49 -4.91 -8.38
N ALA B 159 -11.29 -5.99 -8.30
CA ALA B 159 -12.70 -5.83 -7.89
C ALA B 159 -12.95 -5.05 -6.63
N PRO B 160 -12.04 -5.12 -5.61
CA PRO B 160 -12.26 -4.35 -4.38
C PRO B 160 -12.50 -2.86 -4.59
N ILE B 161 -11.97 -2.29 -5.67
CA ILE B 161 -12.12 -0.86 -5.93
C ILE B 161 -13.35 -0.48 -6.79
N LEU B 162 -14.23 -1.45 -7.06
CA LEU B 162 -15.45 -1.15 -7.83
C LEU B 162 -16.29 0.01 -7.26
N PRO B 163 -16.56 0.01 -5.93
CA PRO B 163 -17.38 1.11 -5.37
C PRO B 163 -16.77 2.53 -5.57
N GLU B 164 -15.43 2.60 -5.53
CA GLU B 164 -14.75 3.87 -5.87
C GLU B 164 -14.99 4.28 -7.32
N LEU B 165 -14.97 3.29 -8.24
CA LEU B 165 -15.28 3.52 -9.62
C LEU B 165 -16.69 3.96 -9.86
N ALA B 166 -17.64 3.20 -9.34
CA ALA B 166 -19.03 3.66 -9.19
C ALA B 166 -19.20 5.07 -8.58
N ARG B 167 -18.48 5.43 -7.52
CA ARG B 167 -18.54 6.81 -6.94
C ARG B 167 -18.19 7.89 -7.96
N TYR B 168 -17.27 7.60 -8.89
CA TYR B 168 -16.86 8.58 -9.91
C TYR B 168 -17.81 8.67 -11.10
N GLY B 169 -18.85 7.84 -11.08
CA GLY B 169 -19.97 7.97 -12.00
C GLY B 169 -20.07 6.84 -12.98
N PHE B 170 -19.13 5.92 -12.95
CA PHE B 170 -19.07 4.90 -13.96
C PHE B 170 -19.94 3.71 -13.69
N ALA B 171 -20.34 3.04 -14.75
CA ALA B 171 -20.86 1.70 -14.62
C ALA B 171 -19.60 0.87 -14.84
N ALA B 172 -19.09 0.30 -13.74
CA ALA B 172 -17.77 -0.34 -13.75
C ALA B 172 -17.86 -1.89 -13.84
N VAL B 173 -17.14 -2.45 -14.81
CA VAL B 173 -17.07 -3.88 -15.00
C VAL B 173 -15.59 -4.34 -14.95
N VAL B 174 -15.25 -5.25 -14.02
CA VAL B 174 -13.91 -5.76 -13.87
C VAL B 174 -13.88 -7.18 -14.37
N THR B 175 -12.92 -7.50 -15.23
CA THR B 175 -12.88 -8.83 -15.76
C THR B 175 -11.40 -9.20 -15.94
N GLU B 176 -11.20 -10.21 -16.79
CA GLU B 176 -9.99 -11.05 -16.90
C GLU B 176 -9.76 -11.26 -18.37
N LEU B 177 -8.53 -11.47 -18.78
CA LEU B 177 -8.24 -11.85 -20.15
C LEU B 177 -8.66 -13.29 -20.40
N PRO B 178 -8.86 -13.66 -21.68
CA PRO B 178 -9.13 -15.05 -22.00
C PRO B 178 -8.13 -16.01 -21.39
N GLY B 179 -8.63 -16.96 -20.57
CA GLY B 179 -7.86 -18.11 -20.04
C GLY B 179 -7.29 -17.83 -18.65
N VAL B 180 -7.45 -16.57 -18.17
CA VAL B 180 -7.01 -16.12 -16.87
C VAL B 180 -8.21 -16.31 -15.97
N GLY B 181 -7.97 -16.70 -14.72
CA GLY B 181 -9.05 -16.91 -13.74
C GLY B 181 -10.22 -17.74 -14.24
N GLU B 182 -11.44 -17.24 -14.10
CA GLU B 182 -12.63 -18.00 -14.56
C GLU B 182 -12.99 -17.74 -16.04
N ASN B 183 -12.19 -16.94 -16.76
CA ASN B 183 -12.43 -16.73 -18.20
C ASN B 183 -11.99 -17.95 -19.01
N GLU B 184 -12.93 -18.59 -19.68
CA GLU B 184 -12.67 -19.86 -20.38
C GLU B 184 -12.21 -19.70 -21.82
N LEU B 185 -12.20 -18.49 -22.36
CA LEU B 185 -11.94 -18.30 -23.79
C LEU B 185 -10.50 -18.55 -24.13
N ARG B 186 -10.27 -18.92 -25.39
CA ARG B 186 -8.93 -18.92 -25.93
C ARG B 186 -8.48 -17.44 -26.18
N TYR B 187 -7.29 -17.08 -25.72
CA TYR B 187 -6.68 -15.78 -26.03
C TYR B 187 -6.17 -15.76 -27.46
N ASP B 188 -6.87 -15.08 -28.36
CA ASP B 188 -6.46 -14.99 -29.77
C ASP B 188 -6.79 -13.61 -30.32
N LEU B 189 -6.72 -13.44 -31.64
CA LEU B 189 -6.99 -12.15 -32.26
C LEU B 189 -8.47 -11.76 -32.27
N ASP B 190 -9.36 -12.76 -32.33
CA ASP B 190 -10.79 -12.52 -32.16
C ASP B 190 -11.18 -12.13 -30.73
N SER B 191 -10.28 -12.29 -29.76
CA SER B 191 -10.54 -11.87 -28.41
C SER B 191 -10.77 -10.37 -28.28
N ALA B 192 -10.33 -9.60 -29.26
CA ALA B 192 -10.64 -8.17 -29.30
C ALA B 192 -12.16 -7.94 -29.24
N ALA B 193 -12.95 -8.90 -29.67
CA ALA B 193 -14.42 -8.81 -29.61
C ALA B 193 -15.01 -8.85 -28.20
N LEU B 194 -14.21 -9.24 -27.20
CA LEU B 194 -14.61 -9.29 -25.78
C LEU B 194 -15.21 -8.02 -25.15
N PHE B 195 -14.60 -6.86 -25.42
CA PHE B 195 -15.10 -5.56 -24.94
C PHE B 195 -16.54 -5.32 -25.36
N GLY B 196 -16.79 -5.49 -26.66
CA GLY B 196 -18.09 -5.26 -27.25
C GLY B 196 -19.15 -6.17 -26.68
N VAL B 197 -18.76 -7.41 -26.38
CA VAL B 197 -19.70 -8.40 -25.83
C VAL B 197 -20.05 -8.09 -24.36
N LEU B 198 -19.09 -7.54 -23.63
CA LEU B 198 -19.30 -7.06 -22.24
C LEU B 198 -20.30 -5.90 -22.18
N LEU B 199 -20.09 -4.94 -23.05
CA LEU B 199 -21.05 -3.88 -23.28
C LEU B 199 -22.47 -4.38 -23.52
N ASP B 200 -22.64 -5.29 -24.50
CA ASP B 200 -23.93 -5.93 -24.84
C ASP B 200 -24.68 -6.52 -23.63
N ALA B 201 -23.95 -7.18 -22.74
CA ALA B 201 -24.51 -7.79 -21.51
C ALA B 201 -25.02 -6.78 -20.43
N VAL B 202 -24.49 -5.56 -20.46
CA VAL B 202 -24.86 -4.50 -19.51
C VAL B 202 -25.56 -3.33 -20.23
N ALA B 203 -26.07 -3.57 -21.46
CA ALA B 203 -26.74 -2.53 -22.29
C ALA B 203 -28.01 -1.92 -21.69
N GLU B 204 -28.71 -2.68 -20.84
CA GLU B 204 -29.90 -2.21 -20.13
C GLU B 204 -29.61 -1.46 -18.82
N ARG B 205 -28.36 -1.54 -18.33
CA ARG B 205 -27.94 -1.03 -17.01
C ARG B 205 -26.78 -0.06 -17.09
N ALA B 206 -26.55 0.54 -18.27
CA ALA B 206 -25.45 1.48 -18.49
C ALA B 206 -25.45 2.16 -19.91
N ASP B 207 -24.68 3.26 -20.07
CA ASP B 207 -24.55 3.99 -21.38
C ASP B 207 -23.41 3.37 -22.14
N THR B 208 -23.74 2.29 -22.84
CA THR B 208 -22.80 1.52 -23.64
C THR B 208 -22.46 2.22 -24.96
N SER B 209 -23.02 3.41 -25.21
CA SER B 209 -22.56 4.20 -26.32
C SER B 209 -21.19 4.87 -26.00
N ARG B 210 -20.85 4.97 -24.71
CA ARG B 210 -19.62 5.62 -24.23
C ARG B 210 -18.86 4.66 -23.29
N ALA B 211 -17.89 3.91 -23.81
CA ALA B 211 -17.13 2.96 -22.98
C ALA B 211 -15.67 3.38 -22.91
N TYR B 212 -15.08 3.19 -21.74
CA TYR B 212 -13.67 3.52 -21.52
C TYR B 212 -12.95 2.28 -20.98
N ALA B 213 -11.88 1.90 -21.65
CA ALA B 213 -11.09 0.73 -21.27
C ALA B 213 -9.89 1.13 -20.43
N LEU B 214 -9.89 0.68 -19.18
CA LEU B 214 -8.75 0.79 -18.28
C LEU B 214 -8.09 -0.56 -18.25
N ALA B 215 -7.16 -0.75 -19.17
CA ALA B 215 -6.72 -2.07 -19.62
C ALA B 215 -5.21 -2.10 -19.53
N LEU B 216 -4.71 -2.71 -18.49
CA LEU B 216 -3.32 -2.78 -18.17
C LEU B 216 -2.63 -3.86 -18.97
N SER B 217 -1.37 -3.59 -19.33
CA SER B 217 -0.48 -4.58 -19.86
C SER B 217 -1.07 -5.09 -21.17
N PHE B 218 -1.12 -6.41 -21.34
CA PHE B 218 -1.69 -7.07 -22.56
C PHE B 218 -3.12 -6.72 -22.84
N SER B 219 -3.91 -6.35 -21.82
CA SER B 219 -5.32 -6.03 -22.13
C SER B 219 -5.36 -4.70 -22.90
N GLY B 220 -4.43 -3.82 -22.56
CA GLY B 220 -4.10 -2.66 -23.36
C GLY B 220 -3.91 -2.90 -24.84
N HIS B 221 -3.19 -3.97 -25.17
CA HIS B 221 -2.99 -4.36 -26.57
C HIS B 221 -4.29 -4.80 -27.21
N LEU B 222 -5.02 -5.66 -26.51
CA LEU B 222 -6.36 -6.12 -26.94
C LEU B 222 -7.28 -4.93 -27.28
N ALA B 223 -7.30 -3.97 -26.33
CA ALA B 223 -8.09 -2.74 -26.47
C ALA B 223 -7.69 -1.91 -27.71
N LEU B 224 -6.40 -1.73 -27.93
CA LEU B 224 -5.93 -1.06 -29.13
C LEU B 224 -6.39 -1.73 -30.39
N ARG B 225 -6.28 -3.04 -30.41
CA ARG B 225 -6.69 -3.91 -31.50
C ARG B 225 -8.19 -3.74 -31.76
N ALA B 226 -9.01 -3.86 -30.72
CA ALA B 226 -10.47 -3.73 -30.84
C ALA B 226 -10.95 -2.33 -31.29
N ALA B 227 -10.26 -1.28 -30.85
CA ALA B 227 -10.73 0.09 -31.09
C ALA B 227 -11.22 0.45 -32.53
N PRO B 228 -10.43 0.15 -33.58
CA PRO B 228 -10.85 0.55 -34.91
C PRO B 228 -12.10 -0.19 -35.47
N SER B 229 -12.55 -1.27 -34.85
CA SER B 229 -13.83 -1.85 -35.22
C SER B 229 -14.84 -1.87 -34.08
N GLU B 230 -14.64 -1.07 -33.03
CA GLU B 230 -15.62 -0.97 -31.93
C GLU B 230 -15.80 0.49 -31.55
N PRO B 231 -16.72 1.18 -32.26
CA PRO B 231 -16.84 2.62 -31.99
C PRO B 231 -17.40 3.02 -30.62
N ARG B 232 -17.98 2.12 -29.87
CA ARG B 232 -18.40 2.45 -28.47
C ARG B 232 -17.19 2.67 -27.49
N LEU B 233 -16.01 2.20 -27.88
CA LEU B 233 -14.77 2.50 -27.14
C LEU B 233 -14.22 3.90 -27.42
N ARG B 234 -14.26 4.75 -26.42
CA ARG B 234 -13.94 6.14 -26.54
C ARG B 234 -12.62 6.52 -25.98
N GLY B 235 -12.01 5.63 -25.21
CA GLY B 235 -10.66 5.90 -24.78
C GLY B 235 -10.03 4.74 -24.06
N ILE B 236 -8.73 4.73 -24.00
CA ILE B 236 -8.00 3.64 -23.41
C ILE B 236 -6.99 4.21 -22.45
N VAL B 237 -6.95 3.65 -21.26
CA VAL B 237 -5.92 4.01 -20.34
C VAL B 237 -5.21 2.73 -20.03
N THR B 238 -3.92 2.68 -20.34
CA THR B 238 -3.14 1.48 -20.16
C THR B 238 -1.77 1.73 -19.49
N ALA B 239 -1.05 0.64 -19.24
CA ALA B 239 0.27 0.63 -18.58
C ALA B 239 1.03 -0.52 -19.18
N GLY B 240 2.15 -0.22 -19.83
CA GLY B 240 3.03 -1.27 -20.37
C GLY B 240 2.35 -2.23 -21.32
N ALA B 241 1.48 -1.70 -22.18
CA ALA B 241 0.88 -2.49 -23.25
C ALA B 241 1.88 -2.88 -24.31
N PRO B 242 1.97 -4.16 -24.63
CA PRO B 242 2.72 -4.51 -25.84
C PRO B 242 2.05 -3.95 -27.09
N VAL B 243 2.87 -3.55 -28.08
CA VAL B 243 2.37 -2.95 -29.31
C VAL B 243 2.78 -3.74 -30.57
N ALA B 244 4.08 -3.72 -30.91
CA ALA B 244 4.64 -4.32 -32.13
C ALA B 244 5.97 -5.01 -31.90
N ALA B 245 6.96 -4.26 -31.41
CA ALA B 245 8.30 -4.77 -31.19
C ALA B 245 8.29 -5.98 -30.24
N PHE B 246 7.43 -5.94 -29.22
CA PHE B 246 7.24 -7.09 -28.34
C PHE B 246 7.01 -8.39 -29.09
N PHE B 247 6.27 -8.29 -30.19
CA PHE B 247 5.91 -9.47 -30.97
C PHE B 247 6.88 -9.91 -32.05
N THR B 248 7.76 -9.00 -32.50
CA THR B 248 8.61 -9.23 -33.68
C THR B 248 10.12 -9.30 -33.41
N ASP B 249 10.59 -8.83 -32.27
CA ASP B 249 12.00 -8.68 -31.96
C ASP B 249 12.44 -9.90 -31.14
N LYS B 250 12.87 -10.95 -31.86
CA LYS B 250 13.29 -12.24 -31.28
C LYS B 250 14.40 -12.16 -30.19
N GLU B 251 15.28 -11.20 -30.36
CA GLU B 251 16.39 -10.99 -29.45
C GLU B 251 15.80 -10.54 -28.11
N TRP B 252 14.96 -9.52 -28.13
CA TRP B 252 14.22 -9.12 -26.93
C TRP B 252 13.46 -10.28 -26.29
N GLN B 253 12.78 -11.08 -27.11
CA GLN B 253 11.93 -12.17 -26.64
C GLN B 253 12.67 -13.26 -25.87
N ALA B 254 13.93 -13.49 -26.25
CA ALA B 254 14.78 -14.51 -25.61
C ALA B 254 15.13 -14.18 -24.15
N ALA B 255 15.09 -12.89 -23.78
CA ALA B 255 15.37 -12.44 -22.43
C ALA B 255 14.11 -12.10 -21.60
N VAL B 256 12.94 -12.18 -22.21
CA VAL B 256 11.67 -12.09 -21.46
C VAL B 256 11.62 -13.23 -20.39
N PRO B 257 11.19 -12.90 -19.14
CA PRO B 257 10.98 -13.92 -18.06
C PRO B 257 10.11 -15.10 -18.47
N ARG B 258 10.55 -16.31 -18.07
CA ARG B 258 9.89 -17.57 -18.43
C ARG B 258 8.44 -17.58 -18.00
N VAL B 259 8.11 -16.95 -16.88
CA VAL B 259 6.72 -16.93 -16.47
C VAL B 259 5.77 -16.20 -17.47
N THR B 260 6.23 -15.10 -18.07
CA THR B 260 5.48 -14.42 -19.12
C THR B 260 5.29 -15.36 -20.34
N VAL B 261 6.33 -16.10 -20.66
CA VAL B 261 6.32 -16.97 -21.82
C VAL B 261 5.33 -18.10 -21.58
N ASP B 262 5.37 -18.68 -20.39
CA ASP B 262 4.55 -19.85 -20.07
C ASP B 262 3.10 -19.49 -19.90
N THR B 263 2.83 -18.37 -19.25
CA THR B 263 1.47 -17.89 -19.06
C THR B 263 0.86 -17.63 -20.44
N LEU B 264 1.59 -16.90 -21.29
CA LEU B 264 1.07 -16.59 -22.60
C LEU B 264 0.78 -17.86 -23.40
N ALA B 265 1.65 -18.84 -23.29
CA ALA B 265 1.41 -20.14 -23.98
C ALA B 265 0.13 -20.82 -23.48
N ARG B 266 -0.01 -20.82 -22.16
CA ARG B 266 -1.22 -21.32 -21.59
C ARG B 266 -2.49 -20.59 -22.10
N LEU B 267 -2.48 -19.26 -22.16
CA LEU B 267 -3.70 -18.51 -22.53
C LEU B 267 -4.09 -18.70 -24.00
N THR B 268 -3.08 -18.62 -24.85
CA THR B 268 -3.20 -18.86 -26.28
C THR B 268 -3.34 -20.34 -26.69
N GLN B 269 -3.17 -21.28 -25.74
CA GLN B 269 -3.37 -22.73 -25.98
C GLN B 269 -2.35 -23.26 -26.98
N THR B 270 -1.13 -22.75 -26.83
CA THR B 270 0.05 -23.22 -27.54
C THR B 270 1.01 -23.84 -26.48
N THR B 271 2.32 -23.57 -26.60
CA THR B 271 3.41 -24.16 -25.79
C THR B 271 4.51 -23.13 -25.68
N PRO B 272 5.29 -23.20 -24.59
CA PRO B 272 6.41 -22.25 -24.42
C PRO B 272 7.37 -22.11 -25.59
N ALA B 273 7.63 -23.18 -26.33
CA ALA B 273 8.59 -23.11 -27.46
C ALA B 273 8.02 -22.50 -28.77
N THR B 274 6.70 -22.43 -28.86
CA THR B 274 6.01 -21.96 -30.06
C THR B 274 5.25 -20.62 -29.87
N VAL B 275 5.03 -20.18 -28.62
CA VAL B 275 4.16 -19.04 -28.40
C VAL B 275 4.60 -17.76 -29.13
N PHE B 276 5.89 -17.45 -29.18
CA PHE B 276 6.30 -16.20 -29.91
C PHE B 276 6.06 -16.26 -31.42
N ASP B 277 6.23 -17.42 -32.05
CA ASP B 277 5.85 -17.63 -33.46
C ASP B 277 4.32 -17.55 -33.66
N HIS B 278 3.56 -18.19 -32.75
CA HIS B 278 2.11 -18.09 -32.76
C HIS B 278 1.61 -16.65 -32.77
N VAL B 279 2.11 -15.83 -31.84
CA VAL B 279 1.60 -14.48 -31.71
C VAL B 279 2.33 -13.43 -32.55
N ARG B 280 3.09 -13.82 -33.54
CA ARG B 280 3.87 -12.85 -34.30
C ARG B 280 3.00 -11.90 -35.11
N ASN B 281 1.81 -12.35 -35.48
CA ASN B 281 0.89 -11.55 -36.27
C ASN B 281 -0.01 -10.66 -35.39
N TRP B 282 0.23 -10.64 -34.07
CA TRP B 282 -0.50 -9.78 -33.13
C TRP B 282 0.02 -8.34 -33.20
N ALA B 283 1.24 -8.17 -33.74
CA ALA B 283 1.90 -6.84 -33.84
C ALA B 283 0.97 -5.85 -34.54
N LEU B 284 0.74 -4.74 -33.88
CA LEU B 284 -0.12 -3.69 -34.41
C LEU B 284 0.64 -2.86 -35.51
N THR B 285 0.15 -2.93 -36.75
CA THR B 285 0.82 -2.26 -37.89
C THR B 285 0.52 -0.78 -37.90
N PRO B 286 1.29 0.00 -38.68
CA PRO B 286 0.87 1.41 -38.81
C PRO B 286 -0.58 1.63 -39.32
N GLN B 287 -1.07 0.75 -40.21
CA GLN B 287 -2.48 0.75 -40.61
C GLN B 287 -3.38 0.48 -39.41
N ASP B 288 -3.02 -0.46 -38.52
CA ASP B 288 -3.81 -0.75 -37.33
C ASP B 288 -3.93 0.45 -36.41
N LEU B 289 -2.81 1.09 -36.13
CA LEU B 289 -2.77 2.24 -35.25
C LEU B 289 -3.48 3.49 -35.80
N ALA B 290 -3.43 3.67 -37.12
CA ALA B 290 -4.13 4.77 -37.78
C ALA B 290 -5.65 4.67 -37.63
N GLY B 291 -6.14 3.45 -37.39
CA GLY B 291 -7.56 3.23 -37.07
C GLY B 291 -7.95 3.55 -35.62
N VAL B 292 -6.99 3.96 -34.80
CA VAL B 292 -7.22 4.28 -33.41
C VAL B 292 -7.43 5.79 -33.32
N ARG B 293 -8.69 6.19 -33.33
CA ARG B 293 -9.11 7.57 -33.46
C ARG B 293 -9.68 8.06 -32.12
N ILE B 294 -9.14 7.58 -31.02
CA ILE B 294 -9.60 7.91 -29.68
C ILE B 294 -8.37 8.26 -28.84
N PRO B 295 -8.55 8.86 -27.63
CA PRO B 295 -7.39 9.09 -26.73
C PRO B 295 -6.89 7.82 -26.09
N VAL B 296 -5.58 7.72 -26.02
CA VAL B 296 -4.89 6.61 -25.42
C VAL B 296 -3.88 7.18 -24.46
N ALA B 297 -4.00 6.87 -23.17
CA ALA B 297 -2.99 7.22 -22.19
C ALA B 297 -2.16 5.98 -21.87
N TYR B 298 -0.87 6.18 -21.57
CA TYR B 298 0.05 5.04 -21.48
C TYR B 298 1.05 5.31 -20.36
N VAL B 299 1.02 4.48 -19.32
CA VAL B 299 2.05 4.54 -18.28
C VAL B 299 3.17 3.59 -18.70
N ALA B 300 4.39 4.12 -18.87
CA ALA B 300 5.52 3.34 -19.31
C ALA B 300 6.50 3.19 -18.17
N SER B 301 7.18 2.06 -18.13
CA SER B 301 8.20 1.80 -17.13
C SER B 301 9.58 1.74 -17.82
N GLY B 302 10.55 2.50 -17.30
CA GLY B 302 11.87 2.64 -17.91
C GLY B 302 12.71 1.38 -17.84
N ARG B 303 12.49 0.59 -16.77
CA ARG B 303 13.12 -0.72 -16.57
C ARG B 303 12.13 -1.86 -16.92
N ASP B 304 11.24 -1.64 -17.87
CA ASP B 304 10.26 -2.67 -18.22
C ASP B 304 11.02 -3.89 -18.78
N GLU B 305 10.79 -5.02 -18.12
CA GLU B 305 11.44 -6.28 -18.45
C GLU B 305 10.66 -7.11 -19.50
N ILE B 306 9.45 -6.65 -19.84
CA ILE B 306 8.57 -7.33 -20.78
C ILE B 306 8.39 -6.55 -22.09
N ILE B 307 8.34 -5.22 -22.03
CA ILE B 307 7.98 -4.38 -23.18
C ILE B 307 9.20 -3.59 -23.68
N PRO B 308 9.58 -3.77 -24.94
CA PRO B 308 10.73 -3.00 -25.39
C PRO B 308 10.36 -1.51 -25.54
N PRO B 309 11.34 -0.60 -25.33
CA PRO B 309 11.15 0.86 -25.54
C PRO B 309 10.44 1.30 -26.83
N ALA B 310 10.58 0.52 -27.90
CA ALA B 310 10.08 0.90 -29.18
C ALA B 310 8.55 0.86 -29.22
N ASP B 311 7.92 0.07 -28.34
CA ASP B 311 6.45 0.03 -28.32
C ASP B 311 5.82 1.33 -27.87
N PRO B 312 6.24 1.89 -26.73
CA PRO B 312 5.70 3.18 -26.37
C PRO B 312 5.96 4.20 -27.43
N ALA B 313 7.13 4.16 -28.06
CA ALA B 313 7.53 5.17 -29.04
C ALA B 313 6.65 5.12 -30.29
N LEU B 314 6.23 3.93 -30.69
CA LEU B 314 5.40 3.77 -31.90
C LEU B 314 4.01 4.36 -31.69
N LEU B 315 3.48 4.21 -30.48
CA LEU B 315 2.24 4.85 -30.15
C LEU B 315 2.36 6.41 -30.15
N ARG B 316 3.49 6.95 -29.69
CA ARG B 316 3.72 8.42 -29.69
C ARG B 316 3.63 8.96 -31.13
N THR B 317 4.20 8.24 -32.09
CA THR B 317 4.24 8.68 -33.50
C THR B 317 2.94 8.40 -34.26
N HIS B 318 2.21 7.35 -33.91
CA HIS B 318 1.02 6.94 -34.69
C HIS B 318 -0.36 7.22 -34.09
N VAL B 319 -0.45 7.45 -32.79
CA VAL B 319 -1.75 7.72 -32.18
C VAL B 319 -1.95 9.23 -32.04
N ARG B 320 -2.99 9.80 -32.66
CA ARG B 320 -3.15 11.27 -32.74
C ARG B 320 -3.31 11.95 -31.35
N ASP B 321 -3.93 11.25 -30.38
CA ASP B 321 -4.14 11.80 -29.01
C ASP B 321 -3.51 10.87 -27.95
N PHE B 322 -2.21 10.99 -27.81
CA PHE B 322 -1.42 10.15 -26.94
C PHE B 322 -1.02 10.94 -25.73
N ARG B 323 -1.27 10.37 -24.54
CA ARG B 323 -0.78 10.95 -23.29
C ARG B 323 0.12 9.93 -22.66
N THR B 324 1.22 10.36 -22.08
CA THR B 324 2.10 9.39 -21.50
C THR B 324 2.94 9.95 -20.37
N ILE B 325 3.55 9.03 -19.65
CA ILE B 325 4.33 9.33 -18.46
C ILE B 325 5.23 8.10 -18.19
N THR B 326 6.47 8.34 -17.81
CA THR B 326 7.43 7.30 -17.60
C THR B 326 7.94 7.34 -16.17
N HIS B 327 7.88 6.21 -15.48
CA HIS B 327 8.61 6.04 -14.21
C HIS B 327 9.83 5.16 -14.40
N ASP B 328 10.78 5.36 -13.50
CA ASP B 328 11.98 4.55 -13.37
C ASP B 328 11.64 3.32 -12.57
N ASP B 329 11.08 2.31 -13.22
CA ASP B 329 10.49 1.16 -12.52
C ASP B 329 10.28 -0.04 -13.48
N VAL B 330 10.09 -1.20 -12.88
CA VAL B 330 9.80 -2.44 -13.59
C VAL B 330 8.34 -2.45 -14.08
N HIS B 331 7.99 -3.47 -14.86
CA HIS B 331 6.64 -3.63 -15.42
C HIS B 331 5.53 -3.50 -14.40
N GLY B 332 4.53 -2.66 -14.71
CA GLY B 332 3.41 -2.41 -13.83
C GLY B 332 3.70 -1.32 -12.80
N SER B 333 4.86 -0.65 -12.90
CA SER B 333 5.36 0.40 -11.95
C SER B 333 4.85 0.27 -10.50
N PRO B 334 5.14 -0.86 -9.84
CA PRO B 334 4.61 -1.08 -8.51
C PRO B 334 5.23 -0.19 -7.42
N ALA B 335 6.45 0.28 -7.60
CA ALA B 335 6.98 1.26 -6.64
C ALA B 335 6.29 2.64 -6.79
N HIS B 336 5.56 2.88 -7.87
CA HIS B 336 4.97 4.21 -8.16
C HIS B 336 3.43 4.14 -8.21
N PHE B 337 2.82 3.24 -7.41
CA PHE B 337 1.37 3.16 -7.34
C PHE B 337 0.67 4.48 -6.90
N PRO B 338 1.19 5.16 -5.85
CA PRO B 338 0.60 6.45 -5.44
C PRO B 338 0.42 7.42 -6.60
N HIS B 339 1.42 7.50 -7.49
CA HIS B 339 1.33 8.38 -8.66
C HIS B 339 0.41 7.82 -9.76
N THR B 340 0.64 6.57 -10.17
CA THR B 340 -0.13 5.98 -11.27
C THR B 340 -1.66 5.89 -10.98
N ARG B 341 -2.07 5.65 -9.72
CA ARG B 341 -3.52 5.60 -9.43
C ARG B 341 -4.22 6.92 -9.74
N LEU B 342 -3.60 8.02 -9.35
CA LEU B 342 -4.08 9.35 -9.65
C LEU B 342 -3.93 9.75 -11.15
N TRP B 343 -2.83 9.39 -11.78
CA TRP B 343 -2.60 9.83 -13.16
C TRP B 343 -3.57 9.12 -14.05
N THR B 344 -3.67 7.79 -13.93
CA THR B 344 -4.64 7.02 -14.75
C THR B 344 -6.06 7.44 -14.49
N LEU B 345 -6.41 7.68 -13.23
CA LEU B 345 -7.79 8.14 -12.90
C LEU B 345 -8.12 9.49 -13.54
N ALA B 346 -7.19 10.43 -13.47
CA ALA B 346 -7.34 11.77 -14.08
C ALA B 346 -7.62 11.68 -15.58
N GLN B 347 -6.94 10.73 -16.19
CA GLN B 347 -7.05 10.51 -17.61
C GLN B 347 -8.41 9.97 -17.92
N VAL B 348 -8.82 8.92 -17.23
CA VAL B 348 -10.16 8.39 -17.39
C VAL B 348 -11.26 9.47 -17.25
N LEU B 349 -11.15 10.36 -16.27
CA LEU B 349 -12.21 11.34 -16.02
C LEU B 349 -12.25 12.44 -17.06
N GLU B 350 -11.07 12.88 -17.52
CA GLU B 350 -10.99 13.84 -18.62
C GLU B 350 -11.55 13.24 -19.90
N MET B 351 -11.17 12.00 -20.17
CA MET B 351 -11.64 11.26 -21.36
C MET B 351 -13.13 11.11 -21.46
N SER B 352 -13.74 10.82 -20.32
CA SER B 352 -15.18 10.60 -20.17
C SER B 352 -16.05 11.86 -19.88
N GLY B 353 -15.45 13.06 -19.81
CA GLY B 353 -16.18 14.31 -19.45
C GLY B 353 -16.98 14.20 -18.14
N ALA B 354 -16.38 13.52 -17.17
CA ALA B 354 -16.94 13.40 -15.85
C ALA B 354 -17.04 14.75 -15.11
N ASP B 355 -17.88 14.74 -14.08
CA ASP B 355 -18.20 15.93 -13.27
C ASP B 355 -16.94 16.74 -12.90
N PRO B 356 -16.90 18.07 -13.15
CA PRO B 356 -15.66 18.79 -12.75
C PRO B 356 -15.28 18.74 -11.27
N ARG B 357 -16.23 18.48 -10.39
CA ARG B 357 -15.95 18.32 -8.99
C ARG B 357 -15.02 17.12 -8.71
N HIS B 358 -15.29 15.97 -9.31
CA HIS B 358 -14.41 14.83 -9.33
C HIS B 358 -13.01 15.16 -9.96
N ARG B 359 -12.98 15.83 -11.11
CA ARG B 359 -11.70 16.14 -11.74
C ARG B 359 -10.85 17.09 -10.91
N ALA B 360 -11.46 18.10 -10.31
CA ALA B 360 -10.78 19.03 -9.41
C ALA B 360 -10.13 18.31 -8.21
N ALA B 361 -10.85 17.38 -7.59
CA ALA B 361 -10.38 16.61 -6.43
C ALA B 361 -9.22 15.67 -6.76
N VAL B 362 -9.29 15.02 -7.92
CA VAL B 362 -8.22 14.13 -8.35
C VAL B 362 -7.01 14.95 -8.78
N ASP B 363 -7.26 16.04 -9.49
CA ASP B 363 -6.15 16.85 -9.99
C ASP B 363 -5.43 17.57 -8.83
N GLY B 364 -6.16 17.85 -7.74
CA GLY B 364 -5.58 18.37 -6.53
C GLY B 364 -4.69 17.32 -5.90
N ALA B 365 -5.22 16.09 -5.78
CA ALA B 365 -4.47 14.98 -5.18
C ALA B 365 -3.25 14.66 -6.00
N LEU B 366 -3.40 14.77 -7.30
CA LEU B 366 -2.35 14.45 -8.24
C LEU B 366 -1.23 15.51 -8.24
N ALA B 367 -1.57 16.78 -8.02
CA ALA B 367 -0.56 17.84 -7.78
C ALA B 367 0.15 17.70 -6.42
N GLN B 368 -0.58 17.27 -5.37
CA GLN B 368 0.07 16.97 -4.07
C GLN B 368 1.13 15.87 -4.22
N VAL B 369 0.80 14.75 -4.87
CA VAL B 369 1.75 13.62 -4.96
C VAL B 369 2.98 13.93 -5.84
N GLU B 370 2.83 14.85 -6.80
CA GLU B 370 3.96 15.32 -7.60
C GLU B 370 4.72 16.38 -6.83
#